data_3EZS
#
_entry.id   3EZS
#
_cell.length_a   92.648
_cell.length_b   106.249
_cell.length_c   80.201
_cell.angle_alpha   90.000
_cell.angle_beta   90.000
_cell.angle_gamma   90.000
#
_symmetry.space_group_name_H-M   'P 21 21 2'
#
loop_
_entity.id
_entity.type
_entity.pdbx_description
1 polymer 'aminotransferase AspB'
2 non-polymer 'PHOSPHATE ION'
3 non-polymer 1,2-ETHANEDIOL
4 water water
#
_entity_poly.entity_id   1
_entity_poly.type   'polypeptide(L)'
_entity_poly.pdbx_seq_one_letter_code
;G(MSE)TFEPYPFERLRALLKEITPKKRGLDLGIGEPQFETPKFIQDALKNHTHSLNIYPKSAFEESLRAAQRGFFKRRF
KIELKENELISTLGSREVLFNFPSFVLFDYQNPTIAYPNPFYQIYEGAAKFIKAKSLL(MSE)PLTKENDFTPSLNEKEL
QEVDLVILNSPNNPTGRTLSLEELISWVKLALKHDFILINDECYSEIYENTPPPSLLEAC(MSE)LAGNEAFKNVLVIHS
LSKRSSAPGLRSGFIAGDSRLLEKYKAFRAYLGYTSANAIQKASEAAWLDDRHAEFFRNIYANNLKLARKIFKNTLIYPY
SFYVYLPVQNGENFAKTLYQNEGIITLPALYLGRNRIGADYVRLALVYDTPLLEKPLEIIETYRENHA
;
_entity_poly.pdbx_strand_id   A,B
#
loop_
_chem_comp.id
_chem_comp.type
_chem_comp.name
_chem_comp.formula
EDO non-polymer 1,2-ETHANEDIOL 'C2 H6 O2'
PO4 non-polymer 'PHOSPHATE ION' 'O4 P -3'
#
# COMPACT_ATOMS: atom_id res chain seq x y z
N GLY A 1 15.17 -16.53 -1.39
CA GLY A 1 14.83 -15.13 -1.01
C GLY A 1 15.26 -14.11 -2.04
N MSE A 2 14.83 -12.86 -1.80
CA MSE A 2 15.13 -11.72 -2.67
CA MSE A 2 15.14 -11.74 -2.67
C MSE A 2 16.38 -11.03 -2.13
O MSE A 2 16.67 -11.09 -0.93
CB MSE A 2 13.89 -10.78 -2.72
CB MSE A 2 13.92 -10.83 -2.75
CG MSE A 2 13.94 -9.57 -3.71
CG MSE A 2 13.56 -10.12 -1.45
SE MSE A 2 12.18 -8.67 -4.03
SE MSE A 2 11.63 -10.04 -1.18
CE MSE A 2 12.83 -7.05 -4.90
CE MSE A 2 11.29 -11.91 -0.73
N THR A 3 17.15 -10.39 -3.01
CA THR A 3 18.39 -9.69 -2.63
C THR A 3 18.03 -8.26 -2.30
N PHE A 4 18.60 -7.72 -1.22
CA PHE A 4 18.34 -6.35 -0.80
C PHE A 4 19.59 -5.49 -0.98
N GLU A 5 19.69 -4.86 -2.15
CA GLU A 5 20.83 -4.01 -2.46
C GLU A 5 20.68 -2.71 -1.66
N PRO A 6 21.81 -2.07 -1.28
CA PRO A 6 21.68 -0.82 -0.55
C PRO A 6 21.10 0.29 -1.43
N TYR A 7 20.42 1.23 -0.81
CA TYR A 7 19.82 2.32 -1.55
CA TYR A 7 19.80 2.35 -1.51
C TYR A 7 20.85 3.41 -1.82
N PRO A 8 20.59 4.27 -2.84
CA PRO A 8 21.55 5.33 -3.13
C PRO A 8 21.97 6.16 -1.92
N PHE A 9 21.03 6.53 -1.05
CA PHE A 9 21.39 7.34 0.13
C PHE A 9 22.32 6.61 1.11
N GLU A 10 22.24 5.27 1.16
CA GLU A 10 23.13 4.47 2.02
C GLU A 10 24.54 4.42 1.44
N ARG A 11 24.62 4.33 0.12
CA ARG A 11 25.92 4.33 -0.55
C ARG A 11 26.60 5.70 -0.34
N LEU A 12 25.80 6.77 -0.34
CA LEU A 12 26.28 8.13 -0.15
C LEU A 12 26.73 8.34 1.29
N ARG A 13 25.90 7.90 2.24
CA ARG A 13 26.25 7.97 3.65
C ARG A 13 27.58 7.26 3.88
N ALA A 14 27.75 6.08 3.27
CA ALA A 14 28.99 5.31 3.41
C ALA A 14 30.19 6.03 2.83
N LEU A 15 30.01 6.65 1.67
CA LEU A 15 31.07 7.41 1.01
C LEU A 15 31.59 8.60 1.86
N LEU A 16 30.68 9.30 2.52
CA LEU A 16 31.01 10.51 3.28
C LEU A 16 31.25 10.30 4.79
N LYS A 17 31.05 9.07 5.28
CA LYS A 17 31.17 8.71 6.71
C LYS A 17 32.48 9.13 7.38
N GLU A 18 33.60 9.00 6.67
CA GLU A 18 34.88 9.37 7.24
C GLU A 18 35.24 10.86 7.09
N ILE A 19 34.30 11.68 6.60
CA ILE A 19 34.55 13.11 6.37
C ILE A 19 33.80 14.05 7.33
N THR A 20 34.52 15.05 7.84
CA THR A 20 33.98 16.10 8.70
C THR A 20 34.07 17.38 7.85
N PRO A 21 32.92 17.95 7.43
CA PRO A 21 32.97 19.14 6.57
C PRO A 21 33.61 20.35 7.24
N LYS A 22 34.44 21.07 6.49
CA LYS A 22 35.10 22.26 7.02
C LYS A 22 34.14 23.46 7.00
N LYS A 23 33.08 23.36 6.19
CA LYS A 23 32.03 24.38 6.06
C LYS A 23 30.65 23.74 6.06
N ARG A 24 29.62 24.57 6.33
CA ARG A 24 28.21 24.17 6.22
C ARG A 24 27.73 24.54 4.81
N GLY A 25 27.08 23.61 4.11
CA GLY A 25 26.52 23.84 2.79
C GLY A 25 25.24 23.08 2.55
N LEU A 26 24.60 23.33 1.40
CA LEU A 26 23.30 22.71 1.04
C LEU A 26 23.33 21.25 0.67
N ASP A 27 22.24 20.57 0.98
CA ASP A 27 22.08 19.18 0.65
C ASP A 27 21.39 19.12 -0.69
N LEU A 28 22.15 18.84 -1.75
CA LEU A 28 21.61 18.73 -3.10
C LEU A 28 21.54 17.25 -3.55
N GLY A 29 21.57 16.33 -2.59
CA GLY A 29 21.52 14.89 -2.86
C GLY A 29 20.09 14.41 -3.06
N ILE A 30 19.27 14.46 -2.02
CA ILE A 30 17.87 13.96 -2.05
C ILE A 30 16.86 14.76 -2.92
N GLY A 31 16.22 14.09 -3.89
CA GLY A 31 15.25 14.73 -4.78
C GLY A 31 13.85 14.88 -4.19
N GLU A 32 13.74 15.59 -3.07
CA GLU A 32 12.46 15.78 -2.36
C GLU A 32 12.26 17.27 -1.96
N PRO A 33 11.31 17.96 -2.64
CA PRO A 33 10.93 19.39 -2.50
C PRO A 33 10.91 19.92 -1.06
N GLN A 34 11.40 21.15 -0.89
CA GLN A 34 11.52 21.76 0.43
C GLN A 34 10.57 22.96 0.60
N PHE A 35 9.29 22.73 0.32
CA PHE A 35 8.28 23.80 0.38
C PHE A 35 7.10 23.34 1.21
N GLU A 36 6.35 24.30 1.72
CA GLU A 36 5.17 24.01 2.52
C GLU A 36 4.04 23.54 1.62
N THR A 37 3.18 22.70 2.16
CA THR A 37 2.01 22.25 1.42
C THR A 37 1.02 23.42 1.38
N PRO A 38 0.46 23.75 0.19
CA PRO A 38 -0.49 24.87 0.13
C PRO A 38 -1.62 24.77 1.14
N LYS A 39 -1.93 25.91 1.76
CA LYS A 39 -2.96 26.00 2.79
C LYS A 39 -4.31 25.38 2.39
N PHE A 40 -4.79 25.64 1.18
CA PHE A 40 -6.10 25.13 0.77
C PHE A 40 -6.18 23.59 0.80
N ILE A 41 -5.05 22.95 0.52
CA ILE A 41 -4.93 21.48 0.55
C ILE A 41 -5.03 21.00 2.01
N GLN A 42 -4.29 21.67 2.90
CA GLN A 42 -4.34 21.38 4.31
C GLN A 42 -5.75 21.60 4.89
N ASP A 43 -6.41 22.69 4.50
CA ASP A 43 -7.77 22.99 4.96
C ASP A 43 -8.79 21.94 4.48
N ALA A 44 -8.59 21.40 3.27
CA ALA A 44 -9.48 20.36 2.76
C ALA A 44 -9.37 19.13 3.67
N LEU A 45 -8.14 18.78 4.08
CA LEU A 45 -7.92 17.67 5.00
C LEU A 45 -8.60 17.93 6.33
N LYS A 46 -8.37 19.12 6.90
CA LYS A 46 -8.97 19.49 8.19
C LYS A 46 -10.47 19.41 8.15
N ASN A 47 -11.07 19.88 7.08
CA ASN A 47 -12.53 19.94 7.00
C ASN A 47 -13.27 18.62 6.74
N HIS A 48 -12.53 17.52 6.52
CA HIS A 48 -13.14 16.22 6.27
C HIS A 48 -12.74 15.08 7.22
N THR A 49 -12.21 15.43 8.40
CA THR A 49 -11.73 14.41 9.36
C THR A 49 -12.81 13.46 9.85
N HIS A 50 -14.06 13.91 9.83
CA HIS A 50 -15.21 13.09 10.20
C HIS A 50 -15.33 11.79 9.40
N SER A 51 -14.78 11.75 8.19
CA SER A 51 -14.85 10.52 7.36
C SER A 51 -13.86 9.39 7.76
N LEU A 52 -13.14 9.56 8.88
CA LEU A 52 -12.17 8.58 9.37
C LEU A 52 -12.83 7.25 9.77
N ASN A 53 -14.12 7.29 10.04
CA ASN A 53 -14.87 6.08 10.40
C ASN A 53 -15.34 5.26 9.20
N ILE A 54 -15.03 5.69 7.99
CA ILE A 54 -15.44 4.99 6.78
C ILE A 54 -14.26 4.18 6.22
N TYR A 55 -14.50 2.90 5.93
CA TYR A 55 -13.46 2.03 5.39
C TYR A 55 -13.24 2.47 3.94
N PRO A 56 -12.06 2.97 3.60
CA PRO A 56 -11.90 3.45 2.21
C PRO A 56 -11.91 2.36 1.12
N LYS A 57 -12.38 2.72 -0.07
CA LYS A 57 -12.51 1.79 -1.21
C LYS A 57 -11.16 1.62 -1.91
N SER A 58 -10.87 0.41 -2.39
CA SER A 58 -9.60 0.17 -3.09
C SER A 58 -9.49 0.98 -4.39
N ALA A 59 -10.64 1.29 -5.00
CA ALA A 59 -10.73 2.10 -6.22
C ALA A 59 -10.64 3.61 -5.94
N PHE A 60 -10.66 3.99 -4.66
CA PHE A 60 -10.69 5.40 -4.24
C PHE A 60 -12.04 6.00 -4.66
N GLU A 61 -12.36 7.15 -4.13
CA GLU A 61 -13.64 7.80 -4.39
C GLU A 61 -13.78 8.25 -5.83
N GLU A 62 -15.00 8.12 -6.35
CA GLU A 62 -15.34 8.56 -7.70
C GLU A 62 -14.97 10.01 -7.96
N SER A 63 -15.13 10.85 -6.93
CA SER A 63 -14.82 12.26 -7.07
C SER A 63 -13.33 12.48 -7.30
N LEU A 64 -12.49 11.69 -6.67
CA LEU A 64 -11.03 11.78 -6.88
C LEU A 64 -10.65 11.34 -8.30
N ARG A 65 -11.20 10.22 -8.76
CA ARG A 65 -10.92 9.72 -10.12
CA ARG A 65 -10.95 9.70 -10.12
C ARG A 65 -11.30 10.77 -11.16
N ALA A 66 -12.47 11.37 -11.00
CA ALA A 66 -12.94 12.44 -11.90
C ALA A 66 -12.00 13.65 -11.86
N ALA A 67 -11.54 14.06 -10.68
CA ALA A 67 -10.59 15.18 -10.56
C ALA A 67 -9.29 14.83 -11.28
N GLN A 68 -8.85 13.57 -11.18
CA GLN A 68 -7.62 13.15 -11.84
C GLN A 68 -7.79 13.14 -13.37
N ARG A 69 -8.95 12.69 -13.83
CA ARG A 69 -9.25 12.71 -15.26
C ARG A 69 -9.30 14.16 -15.76
N GLY A 70 -9.92 15.05 -14.99
CA GLY A 70 -10.01 16.47 -15.36
C GLY A 70 -8.62 17.07 -15.54
N PHE A 71 -7.72 16.74 -14.62
CA PHE A 71 -6.31 17.13 -14.71
C PHE A 71 -5.69 16.69 -16.05
N PHE A 72 -5.90 15.42 -16.40
CA PHE A 72 -5.32 14.87 -17.63
C PHE A 72 -5.85 15.59 -18.88
N LYS A 73 -7.13 15.94 -18.85
CA LYS A 73 -7.75 16.69 -19.94
C LYS A 73 -7.16 18.09 -20.07
N ARG A 74 -7.13 18.86 -18.99
CA ARG A 74 -6.56 20.20 -19.04
C ARG A 74 -5.10 20.19 -19.44
N ARG A 75 -4.35 19.22 -18.91
CA ARG A 75 -2.91 19.18 -19.12
C ARG A 75 -2.46 18.58 -20.45
N PHE A 76 -3.09 17.49 -20.87
CA PHE A 76 -2.68 16.81 -22.10
C PHE A 76 -3.69 16.86 -23.24
N LYS A 77 -4.82 17.54 -23.03
CA LYS A 77 -5.89 17.66 -24.04
C LYS A 77 -6.48 16.32 -24.47
N ILE A 78 -6.46 15.35 -23.57
CA ILE A 78 -7.00 14.02 -23.83
C ILE A 78 -8.11 13.80 -22.80
N GLU A 79 -9.25 13.27 -23.26
CA GLU A 79 -10.37 13.00 -22.38
C GLU A 79 -10.38 11.52 -22.13
N LEU A 80 -9.84 11.13 -20.99
CA LEU A 80 -9.80 9.74 -20.62
C LEU A 80 -11.18 9.25 -20.23
N LYS A 81 -11.50 8.03 -20.69
CA LYS A 81 -12.75 7.38 -20.37
CA LYS A 81 -12.76 7.43 -20.34
C LYS A 81 -12.65 6.85 -18.93
N GLU A 82 -13.79 6.54 -18.33
CA GLU A 82 -13.82 6.09 -16.96
C GLU A 82 -13.02 4.83 -16.63
N ASN A 83 -12.91 3.91 -17.58
CA ASN A 83 -12.13 2.68 -17.36
C ASN A 83 -10.67 2.83 -17.86
N GLU A 84 -10.27 4.05 -18.18
CA GLU A 84 -8.91 4.34 -18.66
C GLU A 84 -8.00 5.03 -17.63
N LEU A 85 -8.45 5.10 -16.39
CA LEU A 85 -7.63 5.70 -15.32
C LEU A 85 -7.96 5.02 -14.01
N ILE A 86 -6.92 4.59 -13.30
CA ILE A 86 -7.05 3.99 -11.98
C ILE A 86 -6.29 4.87 -10.97
N SER A 87 -6.94 5.19 -9.84
CA SER A 87 -6.36 5.99 -8.76
CA SER A 87 -6.33 6.00 -8.81
C SER A 87 -5.44 5.10 -7.93
N THR A 88 -4.26 5.60 -7.58
CA THR A 88 -3.28 4.81 -6.82
C THR A 88 -2.69 5.58 -5.63
N LEU A 89 -1.97 4.86 -4.77
CA LEU A 89 -1.41 5.41 -3.56
C LEU A 89 0.01 5.94 -3.86
N GLY A 90 0.08 6.97 -4.70
CA GLY A 90 1.37 7.48 -5.17
C GLY A 90 1.80 6.64 -6.37
N SER A 91 2.98 6.90 -6.89
CA SER A 91 3.49 6.12 -8.04
C SER A 91 4.40 4.94 -7.64
N ARG A 92 5.02 5.03 -6.48
CA ARG A 92 6.01 4.02 -6.09
C ARG A 92 5.46 2.60 -6.11
N GLU A 93 4.32 2.42 -5.45
CA GLU A 93 3.70 1.12 -5.39
C GLU A 93 3.25 0.58 -6.75
N VAL A 94 2.74 1.47 -7.60
CA VAL A 94 2.27 1.08 -8.92
C VAL A 94 3.46 0.60 -9.74
N LEU A 95 4.57 1.34 -9.71
CA LEU A 95 5.80 0.98 -10.45
C LEU A 95 6.37 -0.35 -9.95
N PHE A 96 6.15 -0.64 -8.67
CA PHE A 96 6.65 -1.87 -8.11
C PHE A 96 5.77 -3.06 -8.42
N ASN A 97 4.45 -2.91 -8.27
CA ASN A 97 3.55 -4.07 -8.43
C ASN A 97 2.91 -4.26 -9.78
N PHE A 98 2.86 -3.24 -10.61
CA PHE A 98 2.20 -3.43 -11.91
C PHE A 98 2.89 -4.52 -12.74
N PRO A 99 4.24 -4.51 -12.80
CA PRO A 99 4.88 -5.59 -13.56
C PRO A 99 4.57 -7.01 -13.06
N SER A 100 4.47 -7.23 -11.73
CA SER A 100 4.12 -8.55 -11.22
C SER A 100 2.67 -8.90 -11.61
N PHE A 101 1.82 -7.89 -11.70
CA PHE A 101 0.48 -8.12 -12.19
C PHE A 101 0.47 -8.53 -13.67
N VAL A 102 1.04 -7.69 -14.54
CA VAL A 102 0.99 -7.96 -15.99
C VAL A 102 1.78 -9.16 -16.44
N LEU A 103 2.90 -9.44 -15.78
CA LEU A 103 3.75 -10.57 -16.16
C LEU A 103 3.51 -11.78 -15.26
N PHE A 104 2.40 -11.79 -14.53
CA PHE A 104 2.11 -12.80 -13.53
C PHE A 104 2.30 -14.25 -13.95
N ASP A 105 1.81 -14.59 -15.14
CA ASP A 105 1.93 -15.96 -15.61
C ASP A 105 3.02 -16.19 -16.67
N TYR A 106 3.93 -15.22 -16.85
CA TYR A 106 4.96 -15.37 -17.86
C TYR A 106 6.10 -16.21 -17.37
N GLN A 107 6.60 -17.05 -18.28
CA GLN A 107 7.77 -17.85 -18.02
C GLN A 107 8.97 -17.02 -18.45
N ASN A 108 9.95 -16.89 -17.57
CA ASN A 108 11.18 -16.15 -17.87
C ASN A 108 10.92 -14.76 -18.47
N PRO A 109 10.20 -13.90 -17.71
CA PRO A 109 9.88 -12.59 -18.26
C PRO A 109 11.10 -11.70 -18.37
N THR A 110 11.05 -10.75 -19.32
CA THR A 110 12.14 -9.81 -19.56
C THR A 110 11.62 -8.38 -19.53
N ILE A 111 12.23 -7.55 -18.68
CA ILE A 111 11.83 -6.17 -18.54
C ILE A 111 12.97 -5.26 -19.01
N ALA A 112 12.62 -4.18 -19.72
CA ALA A 112 13.64 -3.22 -20.17
C ALA A 112 13.41 -1.89 -19.47
N TYR A 113 14.49 -1.26 -19.05
CA TYR A 113 14.42 0.09 -18.45
C TYR A 113 15.75 0.80 -18.64
N PRO A 114 15.77 2.15 -18.54
CA PRO A 114 17.05 2.83 -18.77
C PRO A 114 18.09 2.66 -17.65
N ASN A 115 19.31 3.07 -17.94
CA ASN A 115 20.43 3.03 -17.00
C ASN A 115 21.19 4.35 -17.19
N PRO A 116 21.27 5.19 -16.14
CA PRO A 116 20.80 5.06 -14.76
C PRO A 116 19.29 5.13 -14.59
N PHE A 117 18.83 4.76 -13.39
CA PHE A 117 17.41 4.66 -13.09
C PHE A 117 17.03 4.79 -11.62
N TYR A 118 15.77 5.15 -11.41
CA TYR A 118 15.11 5.16 -10.10
C TYR A 118 15.05 3.68 -9.75
N GLN A 119 15.68 3.34 -8.63
CA GLN A 119 15.92 1.95 -8.25
C GLN A 119 14.70 1.03 -8.10
N ILE A 120 13.50 1.60 -7.96
CA ILE A 120 12.30 0.77 -7.85
C ILE A 120 12.08 -0.08 -9.12
N TYR A 121 12.54 0.37 -10.30
CA TYR A 121 12.36 -0.43 -11.52
C TYR A 121 13.07 -1.77 -11.39
N GLU A 122 14.24 -1.78 -10.74
CA GLU A 122 15.00 -3.02 -10.56
C GLU A 122 14.37 -3.93 -9.51
N GLY A 123 13.84 -3.31 -8.45
CA GLY A 123 13.14 -4.04 -7.41
C GLY A 123 11.94 -4.77 -8.00
N ALA A 124 11.21 -4.06 -8.86
CA ALA A 124 10.05 -4.60 -9.55
C ALA A 124 10.41 -5.85 -10.35
N ALA A 125 11.51 -5.77 -11.11
CA ALA A 125 12.01 -6.89 -11.92
C ALA A 125 12.44 -8.06 -11.04
N LYS A 126 13.08 -7.76 -9.92
CA LYS A 126 13.51 -8.82 -9.01
C LYS A 126 12.30 -9.54 -8.41
N PHE A 127 11.28 -8.78 -8.02
CA PHE A 127 10.08 -9.36 -7.40
C PHE A 127 9.34 -10.36 -8.30
N ILE A 128 9.32 -10.11 -9.61
CA ILE A 128 8.68 -11.03 -10.56
C ILE A 128 9.75 -11.94 -11.24
N LYS A 129 10.96 -11.96 -10.70
CA LYS A 129 12.06 -12.80 -11.20
C LYS A 129 12.29 -12.64 -12.70
N ALA A 130 12.34 -11.39 -13.14
CA ALA A 130 12.53 -11.07 -14.54
C ALA A 130 13.99 -10.73 -14.85
N LYS A 131 14.34 -10.98 -16.11
CA LYS A 131 15.62 -10.58 -16.67
C LYS A 131 15.50 -9.08 -17.00
N SER A 132 16.51 -8.30 -16.63
CA SER A 132 16.54 -6.87 -16.89
C SER A 132 17.43 -6.58 -18.10
N LEU A 133 16.93 -5.78 -19.03
CA LEU A 133 17.67 -5.31 -20.19
C LEU A 133 17.85 -3.82 -19.96
N LEU A 134 19.07 -3.40 -19.69
CA LEU A 134 19.36 -2.02 -19.33
C LEU A 134 19.69 -1.19 -20.56
N MSE A 135 19.01 -0.06 -20.72
CA MSE A 135 19.22 0.82 -21.87
C MSE A 135 20.04 1.99 -21.40
O MSE A 135 19.49 2.93 -20.83
CB MSE A 135 17.86 1.30 -22.42
CG MSE A 135 17.04 0.18 -23.05
SE MSE A 135 15.25 0.71 -23.63
CE MSE A 135 14.49 1.40 -21.98
N PRO A 136 21.37 1.97 -21.68
CA PRO A 136 22.15 3.06 -21.13
C PRO A 136 21.80 4.44 -21.71
N LEU A 137 21.89 5.46 -20.85
CA LEU A 137 21.70 6.84 -21.23
C LEU A 137 23.06 7.52 -21.05
N THR A 138 23.75 7.80 -22.16
CA THR A 138 25.07 8.44 -22.11
C THR A 138 25.12 9.56 -23.14
N LYS A 139 26.14 10.41 -23.04
CA LYS A 139 26.31 11.55 -23.93
C LYS A 139 26.56 11.17 -25.40
N GLU A 140 27.07 9.96 -25.63
CA GLU A 140 27.41 9.47 -26.97
C GLU A 140 26.22 9.51 -27.95
N ASN A 141 24.98 9.40 -27.48
CA ASN A 141 23.84 9.55 -28.38
C ASN A 141 22.79 10.51 -27.79
N ASP A 142 23.26 11.51 -27.05
CA ASP A 142 22.40 12.50 -26.42
CA ASP A 142 22.37 12.51 -26.44
C ASP A 142 21.36 11.82 -25.53
N PHE A 143 21.88 10.98 -24.63
CA PHE A 143 21.11 10.24 -23.63
C PHE A 143 19.80 9.63 -24.16
N THR A 144 19.92 8.88 -25.26
CA THR A 144 18.79 8.26 -25.90
C THR A 144 18.76 6.73 -25.67
N PRO A 145 17.66 6.22 -25.12
CA PRO A 145 17.59 4.78 -24.92
C PRO A 145 17.18 4.06 -26.21
N SER A 146 17.73 2.88 -26.43
CA SER A 146 17.29 2.04 -27.55
C SER A 146 17.47 0.55 -27.28
N LEU A 147 16.82 -0.26 -28.08
CA LEU A 147 16.95 -1.71 -28.05
C LEU A 147 17.25 -2.15 -29.46
N ASN A 148 17.98 -3.25 -29.61
CA ASN A 148 18.26 -3.76 -30.95
C ASN A 148 17.10 -4.67 -31.36
N GLU A 149 17.18 -5.21 -32.58
CA GLU A 149 16.10 -6.03 -33.12
C GLU A 149 15.77 -7.30 -32.32
N LYS A 150 16.80 -8.04 -31.90
CA LYS A 150 16.58 -9.25 -31.11
C LYS A 150 15.93 -8.91 -29.75
N GLU A 151 16.46 -7.88 -29.10
CA GLU A 151 15.93 -7.41 -27.83
C GLU A 151 14.46 -6.99 -27.95
N LEU A 152 14.12 -6.26 -29.01
CA LEU A 152 12.72 -5.86 -29.24
C LEU A 152 11.77 -7.07 -29.31
N GLN A 153 12.25 -8.17 -29.89
CA GLN A 153 11.47 -9.41 -30.01
C GLN A 153 11.42 -10.24 -28.71
N GLU A 154 12.37 -10.00 -27.80
CA GLU A 154 12.46 -10.75 -26.55
C GLU A 154 11.75 -10.09 -25.36
N VAL A 155 11.71 -8.75 -25.36
CA VAL A 155 11.18 -8.00 -24.24
C VAL A 155 9.66 -8.13 -24.11
N ASP A 156 9.19 -8.09 -22.87
CA ASP A 156 7.78 -8.20 -22.51
C ASP A 156 7.18 -6.89 -21.97
N LEU A 157 8.01 -6.09 -21.34
CA LEU A 157 7.59 -4.86 -20.72
C LEU A 157 8.74 -3.88 -20.82
N VAL A 158 8.46 -2.68 -21.27
CA VAL A 158 9.46 -1.61 -21.36
C VAL A 158 8.98 -0.45 -20.50
N ILE A 159 9.86 0.02 -19.63
CA ILE A 159 9.58 1.16 -18.75
C ILE A 159 10.46 2.32 -19.15
N LEU A 160 9.85 3.42 -19.57
CA LEU A 160 10.55 4.65 -19.87
C LEU A 160 10.28 5.60 -18.71
N ASN A 161 11.11 6.63 -18.60
CA ASN A 161 10.96 7.65 -17.57
C ASN A 161 11.28 8.98 -18.23
N SER A 162 10.25 9.67 -18.71
CA SER A 162 10.40 10.93 -19.44
C SER A 162 9.40 11.99 -19.00
N PRO A 163 9.87 13.13 -18.43
CA PRO A 163 11.26 13.49 -18.12
C PRO A 163 11.95 12.52 -17.18
N ASN A 164 13.25 12.37 -17.37
CA ASN A 164 14.07 11.38 -16.68
C ASN A 164 14.77 11.82 -15.39
N ASN A 165 14.69 10.93 -14.40
CA ASN A 165 15.50 11.00 -13.20
C ASN A 165 16.56 9.94 -13.48
N PRO A 166 17.86 10.30 -13.47
CA PRO A 166 18.55 11.54 -13.12
C PRO A 166 19.05 12.50 -14.23
N THR A 167 18.85 12.18 -15.50
CA THR A 167 19.44 12.99 -16.58
C THR A 167 18.63 14.18 -17.06
N GLY A 168 17.33 14.18 -16.78
CA GLY A 168 16.44 15.21 -17.29
C GLY A 168 16.00 14.97 -18.73
N ARG A 169 16.60 13.99 -19.42
CA ARG A 169 16.27 13.70 -20.81
C ARG A 169 14.79 13.45 -20.98
N THR A 170 14.21 14.16 -21.96
CA THR A 170 12.78 14.09 -22.23
C THR A 170 12.58 13.71 -23.71
N LEU A 171 11.79 12.68 -23.93
CA LEU A 171 11.51 12.19 -25.27
C LEU A 171 10.47 13.06 -25.94
N SER A 172 10.70 13.35 -27.22
CA SER A 172 9.80 14.16 -28.00
C SER A 172 8.56 13.36 -28.39
N LEU A 173 7.57 14.05 -28.93
CA LEU A 173 6.35 13.41 -29.39
C LEU A 173 6.71 12.35 -30.42
N GLU A 174 7.63 12.70 -31.32
CA GLU A 174 8.04 11.80 -32.41
C GLU A 174 8.76 10.57 -31.88
N GLU A 175 9.59 10.75 -30.86
CA GLU A 175 10.30 9.64 -30.21
C GLU A 175 9.32 8.71 -29.56
N LEU A 176 8.34 9.27 -28.84
CA LEU A 176 7.31 8.47 -28.15
C LEU A 176 6.47 7.70 -29.15
N ILE A 177 6.19 8.32 -30.30
CA ILE A 177 5.41 7.67 -31.38
C ILE A 177 6.10 6.40 -31.88
N SER A 178 7.42 6.49 -32.07
CA SER A 178 8.23 5.33 -32.49
C SER A 178 8.11 4.18 -31.50
N TRP A 179 8.18 4.51 -30.21
CA TRP A 179 8.04 3.50 -29.17
C TRP A 179 6.66 2.86 -29.18
N VAL A 180 5.62 3.65 -29.37
CA VAL A 180 4.27 3.10 -29.42
C VAL A 180 4.16 2.10 -30.56
N LYS A 181 4.66 2.48 -31.74
CA LYS A 181 4.64 1.60 -32.90
C LYS A 181 5.44 0.30 -32.68
N LEU A 182 6.58 0.39 -32.01
CA LEU A 182 7.35 -0.81 -31.67
C LEU A 182 6.57 -1.72 -30.70
N ALA A 183 5.95 -1.12 -29.69
CA ALA A 183 5.12 -1.86 -28.73
C ALA A 183 4.00 -2.63 -29.44
N LEU A 184 3.36 -1.98 -30.41
CA LEU A 184 2.27 -2.63 -31.15
C LEU A 184 2.80 -3.66 -32.14
N LYS A 185 3.95 -3.36 -32.77
CA LYS A 185 4.55 -4.27 -33.73
C LYS A 185 5.04 -5.56 -33.07
N HIS A 186 5.77 -5.42 -31.97
CA HIS A 186 6.33 -6.58 -31.29
C HIS A 186 5.44 -7.14 -30.19
N ASP A 187 4.33 -6.47 -29.92
CA ASP A 187 3.40 -6.87 -28.87
C ASP A 187 4.05 -6.97 -27.46
N PHE A 188 4.62 -5.87 -27.00
CA PHE A 188 5.10 -5.77 -25.60
C PHE A 188 4.37 -4.61 -24.91
N ILE A 189 4.37 -4.63 -23.59
CA ILE A 189 3.74 -3.61 -22.77
C ILE A 189 4.73 -2.46 -22.57
N LEU A 190 4.25 -1.24 -22.78
CA LEU A 190 5.07 -0.03 -22.69
C LEU A 190 4.51 0.95 -21.66
N ILE A 191 5.34 1.35 -20.70
CA ILE A 191 4.93 2.28 -19.65
C ILE A 191 5.86 3.48 -19.61
N ASN A 192 5.32 4.68 -19.35
CA ASN A 192 6.16 5.82 -19.08
C ASN A 192 5.87 6.30 -17.65
N ASP A 193 6.92 6.37 -16.84
CA ASP A 193 6.87 6.96 -15.51
C ASP A 193 6.88 8.46 -15.79
N GLU A 194 5.70 9.07 -15.72
CA GLU A 194 5.54 10.49 -16.03
C GLU A 194 5.45 11.40 -14.80
N CYS A 195 6.17 11.01 -13.74
CA CYS A 195 6.11 11.78 -12.50
CA CYS A 195 6.24 11.73 -12.47
C CYS A 195 6.78 13.16 -12.54
N TYR A 196 7.56 13.46 -13.59
CA TYR A 196 8.17 14.80 -13.76
C TYR A 196 7.49 15.62 -14.85
N SER A 197 6.31 15.21 -15.29
CA SER A 197 5.66 15.90 -16.39
C SER A 197 5.21 17.33 -16.05
N GLU A 198 5.11 17.67 -14.77
CA GLU A 198 4.74 19.01 -14.35
C GLU A 198 5.93 19.84 -13.88
N ILE A 199 7.14 19.27 -14.00
CA ILE A 199 8.36 19.94 -13.60
C ILE A 199 9.08 20.26 -14.90
N TYR A 200 8.90 21.47 -15.39
CA TYR A 200 9.49 21.86 -16.66
C TYR A 200 9.65 23.38 -16.67
N GLU A 201 10.55 23.83 -17.54
CA GLU A 201 10.98 25.22 -17.57
C GLU A 201 10.25 26.09 -18.59
N ASN A 202 10.13 25.59 -19.81
CA ASN A 202 9.50 26.36 -20.89
C ASN A 202 8.28 25.62 -21.43
N THR A 203 8.52 24.75 -22.41
CA THR A 203 7.45 24.05 -23.08
C THR A 203 7.13 22.76 -22.29
N PRO A 204 5.82 22.47 -22.09
CA PRO A 204 5.53 21.28 -21.31
C PRO A 204 5.89 19.99 -22.06
N PRO A 205 6.41 18.98 -21.35
CA PRO A 205 6.75 17.73 -22.03
C PRO A 205 5.51 16.93 -22.46
N PRO A 206 5.61 16.15 -23.54
CA PRO A 206 4.44 15.41 -23.95
C PRO A 206 4.23 14.10 -23.20
N SER A 207 2.96 13.71 -23.01
CA SER A 207 2.65 12.40 -22.44
C SER A 207 2.73 11.36 -23.53
N LEU A 208 3.08 10.14 -23.16
CA LEU A 208 3.09 9.00 -24.07
C LEU A 208 1.69 8.71 -24.64
N LEU A 209 0.63 9.09 -23.92
CA LEU A 209 -0.74 8.88 -24.44
C LEU A 209 -1.05 9.85 -25.59
N GLU A 210 -0.35 10.98 -25.64
CA GLU A 210 -0.50 11.90 -26.78
C GLU A 210 0.08 11.24 -28.06
N ALA A 211 1.17 10.51 -27.90
CA ALA A 211 1.80 9.79 -29.00
C ALA A 211 0.83 8.74 -29.53
N CYS A 212 0.11 8.12 -28.60
CA CYS A 212 -0.88 7.12 -28.93
C CYS A 212 -1.96 7.67 -29.85
N MSE A 213 -2.46 8.87 -29.53
CA MSE A 213 -3.49 9.52 -30.31
C MSE A 213 -2.99 9.76 -31.74
O MSE A 213 -3.74 9.58 -32.70
CB MSE A 213 -3.89 10.86 -29.71
CG MSE A 213 -4.42 10.82 -28.29
SE MSE A 213 -5.97 9.73 -28.03
CE MSE A 213 -7.22 10.68 -29.19
N LEU A 214 -1.73 10.16 -31.88
CA LEU A 214 -1.12 10.45 -33.18
C LEU A 214 -0.56 9.24 -33.92
N ALA A 215 -0.51 8.09 -33.27
CA ALA A 215 0.01 6.86 -33.89
C ALA A 215 -1.10 5.89 -34.23
N GLY A 216 -2.35 6.35 -34.26
CA GLY A 216 -3.50 5.49 -34.53
C GLY A 216 -3.83 4.49 -33.42
N ASN A 217 -3.51 4.83 -32.18
CA ASN A 217 -3.72 3.94 -31.03
C ASN A 217 -4.49 4.66 -29.92
N GLU A 218 -5.65 5.16 -30.31
CA GLU A 218 -6.55 5.94 -29.47
C GLU A 218 -7.14 5.15 -28.30
N ALA A 219 -7.09 3.83 -28.36
CA ALA A 219 -7.55 2.96 -27.26
C ALA A 219 -6.43 2.69 -26.24
N PHE A 220 -5.22 3.16 -26.56
CA PHE A 220 -4.04 3.02 -25.70
C PHE A 220 -3.65 1.57 -25.46
N LYS A 221 -3.89 0.71 -26.44
CA LYS A 221 -3.51 -0.70 -26.39
C LYS A 221 -2.01 -0.85 -26.08
N ASN A 222 -1.71 -1.73 -25.12
CA ASN A 222 -0.35 -2.01 -24.65
C ASN A 222 0.39 -0.85 -23.96
N VAL A 223 -0.29 0.28 -23.73
CA VAL A 223 0.39 1.49 -23.24
C VAL A 223 -0.27 2.08 -21.99
N LEU A 224 0.58 2.50 -21.06
CA LEU A 224 0.19 3.06 -19.77
C LEU A 224 1.18 4.13 -19.31
N VAL A 225 0.67 5.11 -18.56
CA VAL A 225 1.47 6.21 -18.03
C VAL A 225 1.14 6.26 -16.54
N ILE A 226 2.15 6.59 -15.74
CA ILE A 226 2.01 6.63 -14.29
C ILE A 226 2.31 8.06 -13.80
N HIS A 227 1.38 8.61 -13.01
CA HIS A 227 1.51 9.98 -12.52
C HIS A 227 1.47 10.02 -11.00
N SER A 228 1.97 11.11 -10.44
CA SER A 228 2.00 11.34 -9.00
C SER A 228 1.78 12.82 -8.71
N LEU A 229 1.21 13.11 -7.55
CA LEU A 229 0.96 14.49 -7.10
C LEU A 229 2.10 15.07 -6.23
N SER A 230 2.98 14.21 -5.78
CA SER A 230 4.01 14.57 -4.82
C SER A 230 4.85 15.79 -5.13
N LYS A 231 5.37 15.85 -6.35
CA LYS A 231 6.26 16.96 -6.75
C LYS A 231 5.48 18.16 -7.22
N ARG A 232 4.45 17.88 -8.00
CA ARG A 232 3.55 18.90 -8.52
C ARG A 232 2.98 19.83 -7.46
N SER A 233 2.55 19.27 -6.33
CA SER A 233 1.85 20.06 -5.31
C SER A 233 2.54 20.15 -3.96
N SER A 234 3.82 19.78 -3.88
CA SER A 234 4.55 19.76 -2.59
C SER A 234 3.71 19.12 -1.48
N ALA A 235 3.12 17.98 -1.83
CA ALA A 235 2.25 17.22 -0.94
C ALA A 235 2.53 15.73 -1.04
N PRO A 236 3.79 15.28 -0.84
CA PRO A 236 4.11 13.85 -0.90
C PRO A 236 3.37 13.04 0.16
N GLY A 237 3.02 13.65 1.29
CA GLY A 237 2.26 12.96 2.34
C GLY A 237 0.88 12.47 1.95
N LEU A 238 0.28 13.05 0.91
CA LEU A 238 -1.05 12.66 0.46
C LEU A 238 -1.06 11.26 -0.18
N ARG A 239 0.08 10.82 -0.72
CA ARG A 239 0.23 9.52 -1.37
C ARG A 239 -0.85 9.37 -2.44
N SER A 240 -0.84 10.28 -3.40
CA SER A 240 -1.81 10.27 -4.49
C SER A 240 -1.13 10.24 -5.86
N GLY A 241 -1.58 9.31 -6.68
CA GLY A 241 -1.10 9.14 -8.03
C GLY A 241 -2.17 8.41 -8.81
N PHE A 242 -1.84 8.10 -10.05
CA PHE A 242 -2.72 7.34 -10.91
C PHE A 242 -1.94 6.65 -12.02
N ILE A 243 -2.63 5.72 -12.66
CA ILE A 243 -2.15 5.01 -13.83
C ILE A 243 -3.28 5.10 -14.85
N ALA A 244 -2.93 5.52 -16.08
CA ALA A 244 -3.88 5.70 -17.15
C ALA A 244 -3.41 5.04 -18.45
N GLY A 245 -4.36 4.54 -19.24
CA GLY A 245 -4.02 3.90 -20.52
C GLY A 245 -4.96 2.76 -20.87
N ASP A 246 -4.36 1.67 -21.36
CA ASP A 246 -5.06 0.44 -21.82
C ASP A 246 -6.15 -0.02 -20.86
N SER A 247 -7.41 0.18 -21.26
CA SER A 247 -8.54 -0.13 -20.41
C SER A 247 -8.75 -1.60 -20.18
N ARG A 248 -8.20 -2.45 -21.06
CA ARG A 248 -8.35 -3.91 -20.89
C ARG A 248 -7.45 -4.38 -19.76
N LEU A 249 -6.21 -3.92 -19.78
CA LEU A 249 -5.26 -4.20 -18.71
C LEU A 249 -5.69 -3.55 -17.38
N LEU A 250 -6.17 -2.31 -17.43
CA LEU A 250 -6.60 -1.61 -16.20
C LEU A 250 -7.82 -2.22 -15.52
N GLU A 251 -8.71 -2.83 -16.28
CA GLU A 251 -9.92 -3.43 -15.72
C GLU A 251 -9.53 -4.70 -14.91
N LYS A 252 -8.52 -5.41 -15.40
CA LYS A 252 -7.99 -6.57 -14.70
C LYS A 252 -7.14 -6.13 -13.49
N TYR A 253 -6.35 -5.05 -13.66
CA TYR A 253 -5.52 -4.51 -12.58
C TYR A 253 -6.37 -4.06 -11.40
N LYS A 254 -7.54 -3.50 -11.71
CA LYS A 254 -8.52 -3.09 -10.71
C LYS A 254 -8.93 -4.25 -9.81
N ALA A 255 -9.19 -5.42 -10.42
CA ALA A 255 -9.55 -6.64 -9.66
C ALA A 255 -8.38 -7.11 -8.80
N PHE A 256 -7.16 -7.02 -9.35
CA PHE A 256 -5.96 -7.40 -8.58
C PHE A 256 -5.79 -6.46 -7.37
N ARG A 257 -6.01 -5.17 -7.59
CA ARG A 257 -5.85 -4.17 -6.53
C ARG A 257 -6.83 -4.31 -5.36
N ALA A 258 -7.95 -4.99 -5.59
CA ALA A 258 -8.94 -5.24 -4.53
C ALA A 258 -8.29 -5.94 -3.35
N TYR A 259 -7.29 -6.80 -3.63
CA TYR A 259 -6.59 -7.59 -2.62
C TYR A 259 -5.38 -6.95 -1.90
N LEU A 260 -4.84 -5.89 -2.50
CA LEU A 260 -3.58 -5.33 -2.02
C LEU A 260 -3.59 -4.42 -0.79
N GLY A 261 -4.72 -3.77 -0.50
CA GLY A 261 -4.82 -2.90 0.67
C GLY A 261 -4.09 -1.57 0.57
N TYR A 262 -3.95 -1.05 -0.64
CA TYR A 262 -3.35 0.27 -0.86
C TYR A 262 -4.45 1.34 -0.80
N THR A 263 -4.98 1.59 0.39
CA THR A 263 -6.08 2.54 0.56
C THR A 263 -5.68 3.71 1.45
N SER A 264 -6.49 4.77 1.38
CA SER A 264 -6.22 6.02 2.06
C SER A 264 -7.51 6.61 2.64
N ALA A 265 -7.40 7.32 3.76
CA ALA A 265 -8.54 8.00 4.38
C ALA A 265 -9.31 8.88 3.40
N ASN A 266 -10.64 8.87 3.48
CA ASN A 266 -11.45 9.71 2.59
C ASN A 266 -11.10 11.20 2.73
N ALA A 267 -10.64 11.57 3.92
CA ALA A 267 -10.22 12.94 4.19
C ALA A 267 -8.96 13.25 3.40
N ILE A 268 -8.04 12.27 3.31
CA ILE A 268 -6.82 12.45 2.52
C ILE A 268 -7.17 12.56 1.03
N GLN A 269 -8.13 11.74 0.60
CA GLN A 269 -8.61 11.76 -0.78
C GLN A 269 -9.29 13.09 -1.12
N LYS A 270 -10.01 13.71 -0.18
CA LYS A 270 -10.61 15.04 -0.45
C LYS A 270 -9.53 16.09 -0.68
N ALA A 271 -8.50 16.09 0.17
CA ALA A 271 -7.36 17.01 0.01
C ALA A 271 -6.62 16.74 -1.33
N SER A 272 -6.49 15.46 -1.69
CA SER A 272 -5.89 15.09 -2.98
C SER A 272 -6.74 15.63 -4.11
N GLU A 273 -8.05 15.50 -3.96
CA GLU A 273 -8.99 15.99 -4.98
C GLU A 273 -8.88 17.50 -5.17
N ALA A 274 -8.79 18.25 -4.06
CA ALA A 274 -8.65 19.70 -4.12
C ALA A 274 -7.36 20.04 -4.86
N ALA A 275 -6.28 19.29 -4.61
CA ALA A 275 -4.98 19.50 -5.29
C ALA A 275 -5.07 19.26 -6.78
N TRP A 276 -5.69 18.15 -7.18
CA TRP A 276 -5.79 17.83 -8.61
C TRP A 276 -6.69 18.77 -9.40
N LEU A 277 -7.68 19.37 -8.74
CA LEU A 277 -8.59 20.31 -9.38
C LEU A 277 -7.96 21.69 -9.69
N ASP A 278 -6.88 22.03 -8.99
CA ASP A 278 -6.27 23.36 -9.11
C ASP A 278 -4.92 23.34 -9.81
N ASP A 279 -4.70 24.33 -10.69
CA ASP A 279 -3.45 24.48 -11.43
C ASP A 279 -2.56 25.63 -10.93
N ARG A 280 -3.14 26.55 -10.19
CA ARG A 280 -2.42 27.72 -9.72
C ARG A 280 -1.27 27.40 -8.84
N HIS A 281 -1.51 26.60 -7.81
CA HIS A 281 -0.42 26.24 -6.90
C HIS A 281 0.69 25.45 -7.62
N ALA A 282 0.34 24.59 -8.59
CA ALA A 282 1.33 23.80 -9.33
C ALA A 282 2.25 24.72 -10.09
N GLU A 283 1.65 25.71 -10.74
CA GLU A 283 2.40 26.70 -11.50
C GLU A 283 3.37 27.47 -10.58
N PHE A 284 2.92 27.81 -9.38
CA PHE A 284 3.77 28.53 -8.42
C PHE A 284 5.06 27.75 -8.13
N PHE A 285 4.94 26.45 -7.93
CA PHE A 285 6.12 25.62 -7.69
C PHE A 285 6.95 25.41 -8.97
N ARG A 286 6.28 25.17 -10.09
CA ARG A 286 6.96 24.96 -11.37
C ARG A 286 7.86 26.15 -11.71
N ASN A 287 7.36 27.34 -11.46
CA ASN A 287 8.13 28.52 -11.73
CA ASN A 287 8.12 28.57 -11.68
C ASN A 287 9.45 28.56 -10.96
N ILE A 288 9.44 28.07 -9.71
CA ILE A 288 10.66 28.02 -8.91
C ILE A 288 11.64 27.03 -9.54
N TYR A 289 11.14 25.85 -9.90
CA TYR A 289 12.01 24.86 -10.54
C TYR A 289 12.47 25.34 -11.93
N ALA A 290 11.63 26.10 -12.62
CA ALA A 290 11.98 26.70 -13.92
C ALA A 290 13.17 27.60 -13.75
N ASN A 291 13.07 28.50 -12.76
CA ASN A 291 14.16 29.43 -12.45
C ASN A 291 15.42 28.79 -11.90
N ASN A 292 15.28 27.64 -11.22
CA ASN A 292 16.45 26.89 -10.75
C ASN A 292 17.27 26.37 -11.92
N LEU A 293 16.60 25.75 -12.90
CA LEU A 293 17.27 25.23 -14.09
C LEU A 293 17.94 26.34 -14.90
N LYS A 294 17.26 27.49 -15.03
CA LYS A 294 17.83 28.65 -15.73
C LYS A 294 19.09 29.15 -15.06
N LEU A 295 19.05 29.24 -13.74
CA LEU A 295 20.20 29.71 -12.96
C LEU A 295 21.39 28.76 -13.14
N ALA A 296 21.12 27.46 -12.98
CA ALA A 296 22.12 26.41 -13.14
C ALA A 296 22.77 26.49 -14.51
N ARG A 297 21.95 26.73 -15.53
CA ARG A 297 22.44 26.81 -16.91
C ARG A 297 23.36 28.03 -17.11
N LYS A 298 23.05 29.14 -16.47
CA LYS A 298 23.94 30.29 -16.54
C LYS A 298 25.27 30.00 -15.85
N ILE A 299 25.22 29.30 -14.74
CA ILE A 299 26.41 29.01 -13.92
C ILE A 299 27.33 27.91 -14.45
N PHE A 300 26.78 26.76 -14.82
CA PHE A 300 27.58 25.64 -15.28
C PHE A 300 27.87 25.78 -16.77
N LYS A 301 29.00 26.41 -17.08
CA LYS A 301 29.39 26.70 -18.46
C LYS A 301 29.61 25.45 -19.28
N ASN A 302 29.20 25.53 -20.55
CA ASN A 302 29.33 24.44 -21.50
C ASN A 302 28.86 23.09 -20.94
N THR A 303 27.70 23.12 -20.29
CA THR A 303 27.07 21.92 -19.70
C THR A 303 25.64 21.83 -20.21
N LEU A 304 25.21 20.63 -20.58
CA LEU A 304 23.86 20.44 -21.07
C LEU A 304 22.88 20.24 -19.91
N ILE A 305 21.90 21.14 -19.78
CA ILE A 305 20.84 21.03 -18.78
C ILE A 305 19.51 21.06 -19.56
N TYR A 306 18.83 19.92 -19.64
CA TYR A 306 17.54 19.88 -20.32
C TYR A 306 16.51 20.68 -19.52
N PRO A 307 15.58 21.37 -20.20
CA PRO A 307 14.57 22.19 -19.50
C PRO A 307 13.38 21.41 -18.89
N TYR A 308 13.68 20.28 -18.24
CA TYR A 308 12.68 19.40 -17.66
C TYR A 308 13.32 18.78 -16.41
N SER A 309 12.45 18.36 -15.47
CA SER A 309 12.82 17.79 -14.17
C SER A 309 13.46 18.92 -13.36
N PHE A 310 13.90 18.63 -12.15
CA PHE A 310 14.62 19.61 -11.35
C PHE A 310 16.08 19.16 -11.06
N TYR A 311 16.61 18.28 -11.92
CA TYR A 311 17.97 17.78 -11.76
C TYR A 311 18.99 18.43 -12.69
N VAL A 312 20.26 18.33 -12.28
CA VAL A 312 21.42 18.67 -13.09
C VAL A 312 22.28 17.41 -13.07
N TYR A 313 22.57 16.85 -14.24
CA TYR A 313 23.41 15.66 -14.39
C TYR A 313 24.78 16.24 -14.76
N LEU A 314 25.57 16.52 -13.73
CA LEU A 314 26.82 17.29 -13.88
C LEU A 314 28.09 16.48 -14.19
N PRO A 315 28.70 16.71 -15.37
CA PRO A 315 29.94 15.99 -15.72
C PRO A 315 31.07 16.43 -14.84
N VAL A 316 31.74 15.47 -14.24
CA VAL A 316 32.92 15.71 -13.37
C VAL A 316 33.91 14.61 -13.75
N GLN A 317 35.14 14.66 -13.27
CA GLN A 317 36.07 13.60 -13.66
C GLN A 317 35.57 12.26 -13.07
N ASN A 318 35.38 12.23 -11.77
CA ASN A 318 34.87 11.05 -11.07
C ASN A 318 33.82 11.55 -10.07
N GLY A 319 32.60 11.06 -10.20
CA GLY A 319 31.50 11.48 -9.31
C GLY A 319 31.75 11.27 -7.82
N GLU A 320 32.26 10.08 -7.47
CA GLU A 320 32.54 9.75 -6.07
C GLU A 320 33.57 10.68 -5.46
N ASN A 321 34.68 10.84 -6.15
CA ASN A 321 35.73 11.74 -5.71
C ASN A 321 35.30 13.20 -5.63
N PHE A 322 34.48 13.65 -6.59
CA PHE A 322 34.00 15.02 -6.62
C PHE A 322 33.07 15.25 -5.42
N ALA A 323 32.22 14.26 -5.13
CA ALA A 323 31.30 14.36 -3.99
C ALA A 323 32.05 14.51 -2.68
N LYS A 324 33.12 13.72 -2.52
CA LYS A 324 33.97 13.73 -1.31
C LYS A 324 34.63 15.07 -1.11
N THR A 325 35.28 15.56 -2.17
CA THR A 325 35.96 16.85 -2.16
C THR A 325 35.01 17.99 -1.82
N LEU A 326 33.85 18.04 -2.47
CA LEU A 326 32.90 19.11 -2.25
CA LEU A 326 32.89 19.11 -2.22
C LEU A 326 32.35 19.09 -0.80
N TYR A 327 32.06 17.91 -0.28
CA TYR A 327 31.54 17.79 1.07
C TYR A 327 32.59 18.15 2.11
N GLN A 328 33.79 17.63 1.93
CA GLN A 328 34.91 17.89 2.81
C GLN A 328 35.20 19.39 2.94
N ASN A 329 35.30 20.06 1.80
CA ASN A 329 35.65 21.47 1.74
C ASN A 329 34.51 22.48 1.87
N GLU A 330 33.33 22.16 1.34
CA GLU A 330 32.22 23.10 1.33
C GLU A 330 30.98 22.68 2.09
N GLY A 331 30.93 21.43 2.54
CA GLY A 331 29.74 20.88 3.20
C GLY A 331 28.57 20.64 2.25
N ILE A 332 28.80 20.80 0.94
CA ILE A 332 27.72 20.63 -0.03
C ILE A 332 27.61 19.17 -0.40
N ILE A 333 26.43 18.60 -0.26
CA ILE A 333 26.18 17.19 -0.56
C ILE A 333 25.63 17.04 -1.97
N THR A 334 26.31 16.18 -2.76
CA THR A 334 25.88 15.84 -4.12
C THR A 334 25.83 14.31 -4.21
N LEU A 335 25.10 13.80 -5.20
CA LEU A 335 24.91 12.36 -5.38
C LEU A 335 25.70 11.83 -6.59
N PRO A 336 26.74 11.00 -6.35
CA PRO A 336 27.41 10.36 -7.47
C PRO A 336 26.40 9.52 -8.25
N ALA A 337 26.36 9.71 -9.58
CA ALA A 337 25.40 8.99 -10.43
C ALA A 337 25.67 7.50 -10.53
N LEU A 338 26.87 7.08 -10.12
CA LEU A 338 27.22 5.67 -10.10
C LEU A 338 26.22 4.89 -9.25
N TYR A 339 25.79 5.52 -8.16
CA TYR A 339 24.84 4.93 -7.22
C TYR A 339 23.43 4.80 -7.75
N LEU A 340 23.15 5.35 -8.93
CA LEU A 340 21.85 5.21 -9.57
C LEU A 340 21.87 4.27 -10.78
N GLY A 341 23.03 3.69 -11.09
CA GLY A 341 23.17 2.85 -12.25
C GLY A 341 23.87 1.55 -12.02
N ARG A 342 24.04 0.82 -13.11
CA ARG A 342 24.75 -0.46 -13.16
C ARG A 342 25.80 -0.38 -14.28
N ASN A 343 26.73 -1.33 -14.26
CA ASN A 343 27.81 -1.46 -15.23
C ASN A 343 28.63 -0.21 -15.36
N ARG A 344 28.85 0.47 -14.23
CA ARG A 344 29.65 1.70 -14.13
C ARG A 344 29.07 2.94 -14.86
N ILE A 345 27.82 2.88 -15.30
CA ILE A 345 27.19 4.05 -15.92
C ILE A 345 26.99 5.06 -14.79
N GLY A 346 27.31 6.33 -15.06
CA GLY A 346 27.18 7.41 -14.08
C GLY A 346 28.47 7.79 -13.36
N ALA A 347 29.53 7.00 -13.59
CA ALA A 347 30.84 7.19 -12.94
C ALA A 347 31.41 8.60 -13.05
N ASP A 348 31.15 9.27 -14.18
CA ASP A 348 31.69 10.64 -14.43
C ASP A 348 30.69 11.76 -14.17
N TYR A 349 29.66 11.50 -13.35
CA TYR A 349 28.65 12.49 -13.03
C TYR A 349 28.22 12.50 -11.58
N VAL A 350 27.75 13.68 -11.14
CA VAL A 350 27.05 13.80 -9.85
C VAL A 350 25.70 14.37 -10.24
N ARG A 351 24.67 13.94 -9.52
CA ARG A 351 23.35 14.46 -9.72
C ARG A 351 23.12 15.51 -8.66
N LEU A 352 22.51 16.63 -9.07
CA LEU A 352 22.15 17.73 -8.19
C LEU A 352 20.61 17.86 -8.24
N ALA A 353 19.97 17.99 -7.08
CA ALA A 353 18.52 18.09 -6.96
C ALA A 353 18.20 19.53 -6.56
N LEU A 354 17.69 20.33 -7.50
CA LEU A 354 17.45 21.76 -7.26
C LEU A 354 16.08 21.96 -6.61
N VAL A 355 15.98 21.52 -5.36
CA VAL A 355 14.73 21.48 -4.61
C VAL A 355 14.57 22.61 -3.59
N TYR A 356 15.35 23.68 -3.75
CA TYR A 356 15.27 24.84 -2.86
C TYR A 356 14.77 26.07 -3.61
N ASP A 357 14.32 27.08 -2.87
CA ASP A 357 13.93 28.33 -3.50
C ASP A 357 15.17 28.91 -4.21
N THR A 358 14.95 29.48 -5.39
CA THR A 358 16.04 29.93 -6.26
C THR A 358 17.17 30.77 -5.61
N PRO A 359 16.84 31.76 -4.78
CA PRO A 359 17.94 32.53 -4.21
C PRO A 359 18.93 31.74 -3.35
N LEU A 360 18.48 30.64 -2.74
CA LEU A 360 19.34 29.81 -1.89
C LEU A 360 20.37 29.02 -2.69
N LEU A 361 20.14 28.86 -3.98
CA LEU A 361 21.00 28.08 -4.87
C LEU A 361 22.18 28.85 -5.50
N GLU A 362 22.08 30.17 -5.55
CA GLU A 362 23.08 30.98 -6.26
C GLU A 362 24.49 30.73 -5.78
N LYS A 363 24.71 30.85 -4.47
CA LYS A 363 26.03 30.64 -3.91
C LYS A 363 26.54 29.21 -4.09
N PRO A 364 25.82 28.20 -3.55
CA PRO A 364 26.32 26.83 -3.71
C PRO A 364 26.59 26.37 -5.14
N LEU A 365 25.76 26.79 -6.10
CA LEU A 365 25.96 26.36 -7.48
C LEU A 365 27.22 27.00 -8.06
N GLU A 366 27.49 28.26 -7.70
CA GLU A 366 28.73 28.91 -8.14
C GLU A 366 29.98 28.22 -7.57
N ILE A 367 29.88 27.84 -6.30
CA ILE A 367 30.96 27.15 -5.62
C ILE A 367 31.25 25.84 -6.33
N ILE A 368 30.20 25.08 -6.58
CA ILE A 368 30.33 23.82 -7.30
C ILE A 368 31.09 24.03 -8.61
N GLU A 369 30.70 25.06 -9.38
CA GLU A 369 31.35 25.34 -10.67
C GLU A 369 32.84 25.63 -10.50
N THR A 370 33.23 26.37 -9.45
CA THR A 370 34.65 26.65 -9.20
C THR A 370 35.46 25.34 -9.01
N TYR A 371 34.87 24.31 -8.42
CA TYR A 371 35.60 23.03 -8.24
C TYR A 371 35.71 22.20 -9.52
N ARG A 372 34.79 22.47 -10.44
CA ARG A 372 34.68 21.72 -11.67
C ARG A 372 35.47 22.36 -12.79
N GLU A 373 35.40 23.68 -12.89
CA GLU A 373 36.05 24.39 -14.00
C GLU A 373 37.57 24.21 -14.05
N ASN A 374 38.11 24.35 -15.26
CA ASN A 374 39.54 24.23 -15.53
C ASN A 374 40.39 25.33 -14.85
N MSE B 2 -3.92 -15.19 -14.13
CA MSE B 2 -4.42 -14.67 -12.82
C MSE B 2 -5.95 -14.75 -12.76
O MSE B 2 -6.62 -14.16 -13.61
CB MSE B 2 -3.95 -13.23 -12.59
CG MSE B 2 -4.48 -12.64 -11.30
SE MSE B 2 -3.67 -11.00 -10.62
CE MSE B 2 -1.88 -11.62 -10.16
N THR B 3 -6.48 -15.48 -11.77
CA THR B 3 -7.93 -15.69 -11.61
C THR B 3 -8.53 -14.94 -10.42
N PHE B 4 -9.70 -14.34 -10.61
CA PHE B 4 -10.35 -13.55 -9.56
C PHE B 4 -11.66 -14.18 -9.06
N GLU B 5 -11.65 -14.61 -7.78
CA GLU B 5 -12.82 -15.19 -7.16
C GLU B 5 -13.73 -14.05 -6.71
N PRO B 6 -15.05 -14.12 -7.01
CA PRO B 6 -15.92 -13.05 -6.56
C PRO B 6 -15.87 -12.89 -5.04
N TYR B 7 -15.93 -11.65 -4.58
CA TYR B 7 -15.95 -11.32 -3.16
C TYR B 7 -17.33 -11.65 -2.62
N PRO B 8 -17.44 -11.85 -1.28
CA PRO B 8 -18.72 -12.10 -0.65
C PRO B 8 -19.79 -11.02 -0.94
N PHE B 9 -19.40 -9.75 -0.88
CA PHE B 9 -20.36 -8.65 -1.16
C PHE B 9 -20.91 -8.75 -2.59
N GLU B 10 -20.07 -9.16 -3.54
CA GLU B 10 -20.50 -9.34 -4.94
C GLU B 10 -21.49 -10.50 -5.06
N ARG B 11 -21.21 -11.60 -4.36
CA ARG B 11 -22.11 -12.76 -4.32
C ARG B 11 -23.45 -12.41 -3.64
N LEU B 12 -23.39 -11.59 -2.59
CA LEU B 12 -24.61 -11.14 -1.87
C LEU B 12 -25.44 -10.26 -2.80
N ARG B 13 -24.78 -9.27 -3.43
CA ARG B 13 -25.45 -8.38 -4.37
C ARG B 13 -26.17 -9.16 -5.46
N ALA B 14 -25.48 -10.17 -6.00
CA ALA B 14 -26.02 -11.01 -7.05
C ALA B 14 -27.24 -11.83 -6.58
N LEU B 15 -27.15 -12.34 -5.35
CA LEU B 15 -28.23 -13.13 -4.75
C LEU B 15 -29.49 -12.30 -4.55
N LEU B 16 -29.33 -11.04 -4.17
CA LEU B 16 -30.47 -10.18 -3.85
C LEU B 16 -30.94 -9.26 -4.99
N LYS B 17 -30.29 -9.31 -6.17
CA LYS B 17 -30.57 -8.35 -7.27
C LYS B 17 -32.00 -8.23 -7.79
N GLU B 18 -32.71 -9.34 -7.88
CA GLU B 18 -34.08 -9.32 -8.38
C GLU B 18 -35.09 -8.80 -7.35
N ILE B 19 -34.74 -8.89 -6.07
CA ILE B 19 -35.68 -8.56 -4.99
C ILE B 19 -35.81 -7.07 -4.66
N THR B 20 -37.06 -6.64 -4.56
CA THR B 20 -37.40 -5.29 -4.09
C THR B 20 -37.87 -5.52 -2.66
N PRO B 21 -37.13 -4.98 -1.68
CA PRO B 21 -37.53 -5.17 -0.27
C PRO B 21 -38.87 -4.47 0.04
N LYS B 22 -39.76 -5.17 0.75
CA LYS B 22 -41.04 -4.62 1.11
C LYS B 22 -40.95 -3.55 2.20
N LYS B 23 -39.86 -3.57 2.97
CA LYS B 23 -39.63 -2.59 4.06
C LYS B 23 -38.18 -2.23 4.09
N ARG B 24 -37.85 -1.07 4.65
CA ARG B 24 -36.47 -0.70 4.88
C ARG B 24 -36.04 -1.46 6.14
N GLY B 25 -34.83 -2.03 6.10
CA GLY B 25 -34.29 -2.78 7.21
C GLY B 25 -32.81 -2.48 7.40
N LEU B 26 -32.25 -2.96 8.50
CA LEU B 26 -30.86 -2.70 8.84
C LEU B 26 -29.91 -3.61 8.05
N ASP B 27 -28.69 -3.12 7.81
CA ASP B 27 -27.69 -3.90 7.06
C ASP B 27 -26.73 -4.56 8.04
N LEU B 28 -26.97 -5.85 8.29
CA LEU B 28 -26.15 -6.64 9.21
C LEU B 28 -25.04 -7.45 8.50
N GLY B 29 -24.78 -7.15 7.22
CA GLY B 29 -23.74 -7.85 6.45
C GLY B 29 -22.36 -7.21 6.50
N ILE B 30 -22.27 -5.91 6.77
CA ILE B 30 -20.99 -5.18 6.77
C ILE B 30 -20.17 -5.31 8.08
N GLY B 31 -19.03 -5.98 8.05
CA GLY B 31 -18.19 -6.16 9.25
C GLY B 31 -17.37 -4.95 9.70
N GLU B 32 -17.93 -3.75 9.59
CA GLU B 32 -17.23 -2.51 9.97
C GLU B 32 -18.04 -1.70 11.00
N PRO B 33 -17.36 -1.14 12.04
CA PRO B 33 -18.02 -0.29 13.04
C PRO B 33 -18.76 0.88 12.39
N GLN B 34 -19.94 1.20 12.92
CA GLN B 34 -20.78 2.29 12.45
C GLN B 34 -20.82 3.37 13.52
N PHE B 35 -19.65 3.72 14.06
CA PHE B 35 -19.57 4.75 15.08
C PHE B 35 -18.67 5.86 14.58
N GLU B 36 -18.84 7.04 15.15
CA GLU B 36 -18.04 8.19 14.79
C GLU B 36 -16.64 7.97 15.32
N THR B 37 -15.64 8.52 14.62
CA THR B 37 -14.27 8.43 15.10
C THR B 37 -14.15 9.43 16.24
N PRO B 38 -13.60 9.01 17.39
CA PRO B 38 -13.43 9.94 18.51
C PRO B 38 -12.85 11.30 18.13
N LYS B 39 -13.39 12.35 18.73
CA LYS B 39 -12.99 13.73 18.46
C LYS B 39 -11.49 13.99 18.66
N PHE B 40 -10.89 13.39 19.68
CA PHE B 40 -9.46 13.65 19.94
C PHE B 40 -8.59 13.11 18.82
N ILE B 41 -9.03 12.03 18.19
CA ILE B 41 -8.30 11.42 17.06
C ILE B 41 -8.42 12.35 15.86
N GLN B 42 -9.63 12.88 15.64
CA GLN B 42 -9.84 13.83 14.55
C GLN B 42 -9.04 15.15 14.77
N ASP B 43 -8.97 15.61 16.01
CA ASP B 43 -8.21 16.83 16.29
C ASP B 43 -6.71 16.61 16.07
N ALA B 44 -6.18 15.44 16.46
CA ALA B 44 -4.76 15.10 16.22
C ALA B 44 -4.41 15.22 14.74
N LEU B 45 -5.33 14.78 13.88
CA LEU B 45 -5.11 14.88 12.43
C LEU B 45 -5.15 16.32 11.96
N LYS B 46 -6.11 17.12 12.43
CA LYS B 46 -6.22 18.53 12.03
C LYS B 46 -4.98 19.33 12.43
N ASN B 47 -4.41 19.03 13.60
CA ASN B 47 -3.25 19.79 14.09
C ASN B 47 -1.89 19.45 13.49
N HIS B 48 -1.79 18.43 12.65
CA HIS B 48 -0.51 18.06 12.07
CA HIS B 48 -0.49 18.05 12.07
C HIS B 48 -0.50 18.08 10.54
N THR B 49 -1.46 18.84 9.96
CA THR B 49 -1.61 18.93 8.50
C THR B 49 -0.41 19.55 7.78
N HIS B 50 0.37 20.35 8.51
CA HIS B 50 1.60 20.95 7.99
C HIS B 50 2.63 19.90 7.52
N SER B 51 2.58 18.70 8.10
CA SER B 51 3.52 17.63 7.74
C SER B 51 3.23 16.89 6.40
N LEU B 52 2.27 17.37 5.61
CA LEU B 52 1.98 16.79 4.30
C LEU B 52 3.10 16.98 3.30
N ASN B 53 4.04 17.88 3.61
CA ASN B 53 5.15 18.14 2.70
C ASN B 53 6.32 17.19 2.86
N ILE B 54 6.21 16.23 3.78
CA ILE B 54 7.28 15.29 4.07
C ILE B 54 6.95 13.92 3.49
N TYR B 55 7.90 13.32 2.77
CA TYR B 55 7.74 11.97 2.23
C TYR B 55 7.69 11.02 3.43
N PRO B 56 6.56 10.32 3.64
CA PRO B 56 6.57 9.38 4.76
C PRO B 56 7.58 8.26 4.59
N LYS B 57 7.98 7.66 5.72
CA LYS B 57 8.92 6.56 5.73
C LYS B 57 8.18 5.25 5.71
N SER B 58 8.76 4.26 5.02
CA SER B 58 8.19 2.90 4.97
C SER B 58 8.12 2.24 6.34
N ALA B 59 9.05 2.60 7.23
CA ALA B 59 9.07 2.11 8.61
C ALA B 59 8.06 2.82 9.53
N PHE B 60 7.43 3.89 9.04
CA PHE B 60 6.54 4.79 9.82
C PHE B 60 7.37 5.53 10.89
N GLU B 61 6.77 6.51 11.55
CA GLU B 61 7.48 7.30 12.57
C GLU B 61 7.79 6.51 13.82
N GLU B 62 9.00 6.73 14.36
CA GLU B 62 9.41 6.04 15.58
C GLU B 62 8.43 6.25 16.71
N SER B 63 7.78 7.43 16.77
CA SER B 63 6.76 7.72 17.80
C SER B 63 5.51 6.85 17.68
N LEU B 64 5.12 6.51 16.44
CA LEU B 64 3.99 5.62 16.20
C LEU B 64 4.39 4.20 16.65
N ARG B 65 5.54 3.73 16.19
CA ARG B 65 6.01 2.39 16.60
CA ARG B 65 6.04 2.39 16.59
C ARG B 65 6.01 2.26 18.11
N ALA B 66 6.60 3.24 18.81
CA ALA B 66 6.66 3.24 20.29
C ALA B 66 5.27 3.20 20.93
N ALA B 67 4.31 3.92 20.31
CA ALA B 67 2.93 3.90 20.79
C ALA B 67 2.29 2.53 20.59
N GLN B 68 2.61 1.85 19.50
CA GLN B 68 2.06 0.50 19.25
C GLN B 68 2.70 -0.52 20.20
N ARG B 69 4.01 -0.41 20.42
CA ARG B 69 4.68 -1.24 21.45
C ARG B 69 4.12 -1.02 22.85
N GLY B 70 3.80 0.22 23.18
CA GLY B 70 3.19 0.54 24.48
C GLY B 70 1.83 -0.14 24.65
N PHE B 71 1.01 -0.08 23.60
CA PHE B 71 -0.29 -0.73 23.62
C PHE B 71 -0.14 -2.21 23.93
N PHE B 72 0.78 -2.85 23.22
CA PHE B 72 1.02 -4.28 23.38
C PHE B 72 1.42 -4.66 24.82
N LYS B 73 2.23 -3.83 25.46
CA LYS B 73 2.65 -4.04 26.84
C LYS B 73 1.47 -3.87 27.79
N ARG B 74 0.70 -2.81 27.62
CA ARG B 74 -0.48 -2.61 28.44
C ARG B 74 -1.45 -3.75 28.29
N ARG B 75 -1.75 -4.09 27.05
CA ARG B 75 -2.74 -5.10 26.74
C ARG B 75 -2.35 -6.54 27.02
N PHE B 76 -1.12 -6.93 26.65
CA PHE B 76 -0.69 -8.34 26.81
C PHE B 76 0.43 -8.60 27.81
N LYS B 77 0.92 -7.54 28.45
CA LYS B 77 1.97 -7.62 29.46
C LYS B 77 3.27 -8.19 28.89
N ILE B 78 3.56 -7.88 27.63
CA ILE B 78 4.78 -8.30 26.97
C ILE B 78 5.43 -7.04 26.41
N GLU B 79 6.71 -6.87 26.70
CA GLU B 79 7.49 -5.74 26.25
C GLU B 79 8.26 -6.20 25.00
N LEU B 80 7.79 -5.76 23.83
CA LEU B 80 8.44 -6.07 22.58
C LEU B 80 9.69 -5.25 22.45
N LYS B 81 10.74 -5.86 21.91
CA LYS B 81 11.98 -5.16 21.63
C LYS B 81 11.73 -4.33 20.36
N GLU B 82 12.57 -3.34 20.12
CA GLU B 82 12.44 -2.44 18.95
C GLU B 82 12.36 -3.19 17.63
N ASN B 83 13.10 -4.30 17.52
CA ASN B 83 13.10 -5.08 16.27
C ASN B 83 11.96 -6.13 16.15
N GLU B 84 11.07 -6.17 17.14
CA GLU B 84 9.99 -7.14 17.18
C GLU B 84 8.60 -6.58 16.82
N LEU B 85 8.53 -5.36 16.30
CA LEU B 85 7.26 -4.80 15.86
C LEU B 85 7.51 -3.96 14.65
N ILE B 86 6.69 -4.18 13.61
CA ILE B 86 6.72 -3.39 12.38
C ILE B 86 5.36 -2.71 12.22
N SER B 87 5.36 -1.40 11.99
CA SER B 87 4.13 -0.66 11.74
C SER B 87 3.69 -0.90 10.25
N THR B 88 2.38 -1.01 10.04
CA THR B 88 1.79 -1.32 8.74
C THR B 88 0.56 -0.43 8.43
N LEU B 89 0.15 -0.49 7.17
CA LEU B 89 -0.99 0.28 6.67
C LEU B 89 -2.25 -0.56 6.90
N GLY B 90 -2.56 -0.81 8.18
CA GLY B 90 -3.67 -1.67 8.57
C GLY B 90 -3.21 -3.12 8.47
N SER B 91 -4.15 -4.07 8.55
CA SER B 91 -3.79 -5.49 8.51
C SER B 91 -4.02 -6.15 7.16
N ARG B 92 -4.93 -5.62 6.36
CA ARG B 92 -5.25 -6.21 5.07
C ARG B 92 -4.03 -6.44 4.17
N GLU B 93 -3.21 -5.41 4.01
CA GLU B 93 -2.04 -5.52 3.14
C GLU B 93 -1.02 -6.51 3.67
N VAL B 94 -0.84 -6.55 4.98
CA VAL B 94 0.10 -7.48 5.61
C VAL B 94 -0.38 -8.91 5.41
N LEU B 95 -1.64 -9.17 5.69
CA LEU B 95 -2.24 -10.49 5.48
C LEU B 95 -2.05 -10.95 4.03
N PHE B 96 -2.06 -10.01 3.08
CA PHE B 96 -1.84 -10.38 1.68
C PHE B 96 -0.36 -10.55 1.30
N ASN B 97 0.49 -9.65 1.77
CA ASN B 97 1.89 -9.68 1.27
C ASN B 97 2.92 -10.40 2.12
N PHE B 98 2.65 -10.60 3.41
CA PHE B 98 3.61 -11.30 4.24
C PHE B 98 3.85 -12.75 3.72
N PRO B 99 2.76 -13.49 3.37
CA PRO B 99 2.98 -14.83 2.79
C PRO B 99 3.84 -14.82 1.53
N SER B 100 3.67 -13.81 0.67
CA SER B 100 4.51 -13.69 -0.52
C SER B 100 5.95 -13.47 -0.14
N PHE B 101 6.16 -12.65 0.89
CA PHE B 101 7.50 -12.41 1.38
C PHE B 101 8.16 -13.69 1.98
N VAL B 102 7.52 -14.32 2.96
CA VAL B 102 8.14 -15.48 3.62
C VAL B 102 8.34 -16.70 2.72
N LEU B 103 7.37 -17.00 1.87
CA LEU B 103 7.45 -18.16 0.98
C LEU B 103 7.95 -17.82 -0.44
N PHE B 104 8.52 -16.62 -0.62
CA PHE B 104 8.98 -16.10 -1.94
C PHE B 104 9.67 -17.08 -2.86
N ASP B 105 10.67 -17.77 -2.34
CA ASP B 105 11.43 -18.74 -3.14
C ASP B 105 11.27 -20.20 -2.74
N TYR B 106 10.21 -20.52 -2.00
CA TYR B 106 9.96 -21.89 -1.61
C TYR B 106 9.57 -22.77 -2.78
N GLN B 107 9.82 -24.06 -2.67
CA GLN B 107 9.40 -25.06 -3.64
C GLN B 107 8.04 -25.57 -3.16
N ASN B 108 7.04 -25.58 -4.04
CA ASN B 108 5.69 -26.04 -3.69
C ASN B 108 5.17 -25.47 -2.37
N PRO B 109 5.06 -24.15 -2.30
CA PRO B 109 4.60 -23.53 -1.07
C PRO B 109 3.21 -24.02 -0.65
N THR B 110 3.04 -24.29 0.64
CA THR B 110 1.78 -24.82 1.19
C THR B 110 1.36 -23.99 2.42
N ILE B 111 0.13 -23.46 2.38
CA ILE B 111 -0.40 -22.62 3.44
C ILE B 111 -1.72 -23.24 3.96
N ALA B 112 -1.91 -23.20 5.27
CA ALA B 112 -3.13 -23.65 5.91
C ALA B 112 -3.82 -22.48 6.56
N TYR B 113 -5.14 -22.48 6.52
CA TYR B 113 -5.95 -21.49 7.19
C TYR B 113 -7.31 -22.14 7.44
N PRO B 114 -8.13 -21.57 8.35
CA PRO B 114 -9.44 -22.19 8.62
C PRO B 114 -10.50 -21.98 7.53
N ASN B 115 -11.61 -22.70 7.65
CA ASN B 115 -12.73 -22.64 6.73
C ASN B 115 -14.00 -22.63 7.59
N PRO B 116 -14.83 -21.57 7.52
CA PRO B 116 -14.78 -20.36 6.72
C PRO B 116 -13.65 -19.39 7.11
N PHE B 117 -13.45 -18.40 6.26
CA PHE B 117 -12.36 -17.46 6.42
C PHE B 117 -12.53 -16.12 5.77
N TYR B 118 -11.78 -15.16 6.30
CA TYR B 118 -11.65 -13.83 5.77
C TYR B 118 -10.93 -14.13 4.47
N GLN B 119 -11.58 -13.72 3.38
CA GLN B 119 -11.21 -14.13 2.03
C GLN B 119 -9.86 -13.68 1.51
N ILE B 120 -9.23 -12.72 2.16
CA ILE B 120 -7.90 -12.30 1.72
C ILE B 120 -6.89 -13.44 1.90
N TYR B 121 -7.09 -14.34 2.87
CA TYR B 121 -6.17 -15.47 3.04
C TYR B 121 -6.04 -16.27 1.72
N GLU B 122 -7.13 -16.47 1.00
CA GLU B 122 -7.05 -17.21 -0.27
C GLU B 122 -6.34 -16.40 -1.36
N GLY B 123 -6.64 -15.11 -1.41
CA GLY B 123 -5.97 -14.23 -2.37
C GLY B 123 -4.45 -14.29 -2.19
N ALA B 124 -4.02 -14.28 -0.94
CA ALA B 124 -2.60 -14.31 -0.58
C ALA B 124 -1.94 -15.59 -1.04
N ALA B 125 -2.63 -16.70 -0.84
CA ALA B 125 -2.15 -18.01 -1.26
C ALA B 125 -2.05 -18.11 -2.78
N LYS B 126 -3.07 -17.65 -3.49
CA LYS B 126 -3.05 -17.67 -4.97
C LYS B 126 -1.93 -16.82 -5.54
N PHE B 127 -1.70 -15.64 -4.97
CA PHE B 127 -0.64 -14.78 -5.47
C PHE B 127 0.73 -15.46 -5.41
N ILE B 128 1.03 -16.16 -4.31
CA ILE B 128 2.31 -16.88 -4.17
C ILE B 128 2.24 -18.28 -4.78
N LYS B 129 1.16 -18.58 -5.51
CA LYS B 129 0.97 -19.91 -6.16
C LYS B 129 1.07 -21.09 -5.19
N ALA B 130 0.54 -20.93 -3.99
CA ALA B 130 0.59 -21.97 -2.96
C ALA B 130 -0.61 -22.89 -3.00
N LYS B 131 -0.43 -24.09 -2.46
CA LYS B 131 -1.51 -25.04 -2.24
C LYS B 131 -2.15 -24.63 -0.90
N SER B 132 -3.47 -24.60 -0.84
CA SER B 132 -4.17 -24.27 0.41
C SER B 132 -4.63 -25.54 1.15
N LEU B 133 -4.39 -25.61 2.46
CA LEU B 133 -4.91 -26.71 3.31
C LEU B 133 -5.99 -26.08 4.18
N LEU B 134 -7.28 -26.34 3.92
CA LEU B 134 -8.36 -25.72 4.67
C LEU B 134 -8.70 -26.53 5.90
N MSE B 135 -8.78 -25.84 7.05
CA MSE B 135 -9.09 -26.49 8.33
C MSE B 135 -10.54 -26.13 8.70
O MSE B 135 -10.79 -25.05 9.27
CB MSE B 135 -8.11 -26.01 9.39
CG MSE B 135 -6.63 -26.31 9.08
SE MSE B 135 -5.47 -25.55 10.47
CE MSE B 135 -5.75 -23.69 10.08
N PRO B 136 -11.51 -27.01 8.36
CA PRO B 136 -12.93 -26.71 8.62
C PRO B 136 -13.30 -26.50 10.08
N LEU B 137 -14.04 -25.43 10.34
CA LEU B 137 -14.53 -25.13 11.67
C LEU B 137 -16.00 -25.48 11.68
N THR B 138 -16.37 -26.49 12.46
CA THR B 138 -17.75 -26.92 12.49
C THR B 138 -18.22 -27.19 13.92
N LYS B 139 -19.53 -27.24 14.06
CA LYS B 139 -20.19 -27.58 15.30
C LYS B 139 -19.61 -28.90 15.82
N GLU B 140 -19.49 -29.86 14.91
CA GLU B 140 -19.04 -31.20 15.26
C GLU B 140 -17.62 -31.24 15.76
N ASN B 141 -16.77 -30.32 15.33
CA ASN B 141 -15.39 -30.29 15.85
C ASN B 141 -15.16 -29.12 16.83
N ASP B 142 -16.25 -28.56 17.35
CA ASP B 142 -16.21 -27.41 18.26
C ASP B 142 -15.41 -26.26 17.67
N PHE B 143 -15.56 -26.05 16.36
CA PHE B 143 -14.90 -24.96 15.65
C PHE B 143 -13.39 -24.92 15.93
N THR B 144 -12.75 -26.09 15.95
CA THR B 144 -11.31 -26.20 16.28
C THR B 144 -10.44 -26.47 15.05
N PRO B 145 -9.48 -25.56 14.75
CA PRO B 145 -8.60 -25.87 13.63
C PRO B 145 -7.63 -26.95 14.01
N SER B 146 -7.28 -27.80 13.05
CA SER B 146 -6.33 -28.85 13.29
C SER B 146 -5.76 -29.27 11.96
N LEU B 147 -4.65 -29.99 12.05
CA LEU B 147 -3.96 -30.57 10.92
C LEU B 147 -3.53 -31.97 11.33
N ASN B 148 -3.56 -32.91 10.39
CA ASN B 148 -3.12 -34.26 10.68
C ASN B 148 -1.59 -34.30 10.49
N GLU B 149 -0.98 -35.42 10.87
CA GLU B 149 0.48 -35.58 10.84
C GLU B 149 1.12 -35.33 9.46
N LYS B 150 0.53 -35.89 8.41
CA LYS B 150 1.03 -35.69 7.05
C LYS B 150 1.00 -34.20 6.72
N GLU B 151 -0.10 -33.54 7.04
CA GLU B 151 -0.30 -32.11 6.75
C GLU B 151 0.70 -31.23 7.50
N LEU B 152 0.98 -31.59 8.75
CA LEU B 152 1.95 -30.84 9.57
C LEU B 152 3.36 -30.91 9.00
N GLN B 153 3.75 -32.05 8.41
CA GLN B 153 5.07 -32.13 7.77
C GLN B 153 5.12 -31.37 6.45
N GLU B 154 4.00 -31.37 5.72
CA GLU B 154 3.88 -30.70 4.43
C GLU B 154 3.75 -29.16 4.53
N VAL B 155 2.95 -28.66 5.49
CA VAL B 155 2.67 -27.21 5.61
C VAL B 155 3.90 -26.29 5.80
N ASP B 156 3.88 -25.11 5.18
CA ASP B 156 4.97 -24.13 5.29
C ASP B 156 4.61 -22.90 6.13
N LEU B 157 3.36 -22.47 6.04
CA LEU B 157 2.82 -21.32 6.77
C LEU B 157 1.40 -21.67 7.23
N VAL B 158 1.10 -21.38 8.50
CA VAL B 158 -0.23 -21.59 9.07
C VAL B 158 -0.79 -20.27 9.58
N ILE B 159 -1.97 -19.91 9.09
CA ILE B 159 -2.68 -18.69 9.52
C ILE B 159 -3.88 -19.05 10.39
N LEU B 160 -3.84 -18.60 11.64
CA LEU B 160 -4.97 -18.75 12.54
C LEU B 160 -5.64 -17.38 12.61
N ASN B 161 -6.84 -17.32 13.17
CA ASN B 161 -7.56 -16.07 13.33
C ASN B 161 -8.43 -16.21 14.58
N SER B 162 -7.86 -15.81 15.71
CA SER B 162 -8.49 -15.90 17.02
C SER B 162 -8.41 -14.59 17.78
N PRO B 163 -9.57 -13.98 18.13
CA PRO B 163 -10.97 -14.39 17.83
C PRO B 163 -11.25 -14.42 16.32
N ASN B 164 -12.14 -15.32 15.92
CA ASN B 164 -12.43 -15.62 14.52
C ASN B 164 -13.58 -14.92 13.81
N ASN B 165 -13.29 -14.47 12.59
CA ASN B 165 -14.29 -14.02 11.64
C ASN B 165 -14.54 -15.23 10.70
N PRO B 166 -15.79 -15.75 10.62
CA PRO B 166 -17.08 -15.35 11.17
C PRO B 166 -17.67 -16.06 12.38
N THR B 167 -16.99 -17.07 12.91
CA THR B 167 -17.59 -17.90 13.96
C THR B 167 -17.47 -17.32 15.37
N GLY B 168 -16.51 -16.43 15.59
CA GLY B 168 -16.24 -15.89 16.94
C GLY B 168 -15.34 -16.79 17.80
N ARG B 169 -15.02 -17.97 17.32
CA ARG B 169 -14.21 -18.91 18.08
C ARG B 169 -12.85 -18.30 18.40
N THR B 170 -12.48 -18.45 19.67
CA THR B 170 -11.27 -17.90 20.25
C THR B 170 -10.54 -19.04 20.95
N LEU B 171 -9.27 -19.22 20.57
CA LEU B 171 -8.43 -20.26 21.11
C LEU B 171 -7.90 -19.86 22.48
N SER B 172 -7.91 -20.80 23.41
CA SER B 172 -7.38 -20.58 24.76
C SER B 172 -5.87 -20.58 24.74
N LEU B 173 -5.28 -20.13 25.84
CA LEU B 173 -3.83 -20.07 25.97
CA LEU B 173 -3.82 -20.09 25.98
C LEU B 173 -3.22 -21.45 25.73
N GLU B 174 -3.88 -22.48 26.26
CA GLU B 174 -3.40 -23.85 26.11
C GLU B 174 -3.39 -24.29 24.63
N GLU B 175 -4.46 -23.99 23.90
CA GLU B 175 -4.55 -24.34 22.49
C GLU B 175 -3.48 -23.62 21.66
N LEU B 176 -3.23 -22.36 21.98
CA LEU B 176 -2.20 -21.57 21.30
C LEU B 176 -0.81 -22.18 21.57
N ILE B 177 -0.57 -22.61 22.82
CA ILE B 177 0.71 -23.26 23.19
C ILE B 177 0.97 -24.51 22.36
N SER B 178 -0.09 -25.30 22.14
CA SER B 178 0.02 -26.48 21.29
C SER B 178 0.48 -26.12 19.89
N TRP B 179 -0.10 -25.06 19.32
CA TRP B 179 0.31 -24.56 18.00
C TRP B 179 1.75 -24.06 17.94
N VAL B 180 2.20 -23.32 18.95
CA VAL B 180 3.58 -22.85 18.98
C VAL B 180 4.54 -24.06 18.93
N LYS B 181 4.23 -25.07 19.71
CA LYS B 181 5.04 -26.30 19.76
C LYS B 181 5.05 -27.08 18.45
N LEU B 182 3.90 -27.17 17.78
CA LEU B 182 3.84 -27.81 16.47
C LEU B 182 4.65 -26.98 15.46
N ALA B 183 4.61 -25.66 15.57
CA ALA B 183 5.33 -24.77 14.64
C ALA B 183 6.82 -25.04 14.68
N LEU B 184 7.35 -25.17 15.89
CA LEU B 184 8.76 -25.46 16.10
C LEU B 184 9.10 -26.92 15.79
N LYS B 185 8.25 -27.87 16.19
CA LYS B 185 8.50 -29.28 15.95
C LYS B 185 8.48 -29.59 14.47
N HIS B 186 7.46 -29.10 13.75
CA HIS B 186 7.37 -29.37 12.31
C HIS B 186 7.99 -28.30 11.39
N ASP B 187 8.67 -27.35 12.04
N ASP B 187 8.74 -27.36 11.95
CA ASP B 187 9.38 -26.19 11.49
CA ASP B 187 9.42 -26.35 11.14
C ASP B 187 8.64 -25.38 10.41
C ASP B 187 8.46 -25.56 10.23
N PHE B 188 7.47 -24.87 10.80
CA PHE B 188 6.61 -24.00 9.95
C PHE B 188 6.40 -22.65 10.62
N ILE B 189 6.02 -21.66 9.80
CA ILE B 189 5.75 -20.30 10.27
C ILE B 189 4.28 -20.23 10.69
N LEU B 190 4.03 -19.68 11.89
CA LEU B 190 2.70 -19.58 12.48
C LEU B 190 2.36 -18.12 12.68
N ILE B 191 1.17 -17.73 12.20
CA ILE B 191 0.65 -16.36 12.28
C ILE B 191 -0.75 -16.33 12.88
N ASN B 192 -1.01 -15.42 13.82
CA ASN B 192 -2.39 -15.20 14.25
C ASN B 192 -2.88 -13.82 13.82
N ASP B 193 -3.99 -13.80 13.09
CA ASP B 193 -4.68 -12.57 12.71
C ASP B 193 -5.45 -12.21 13.99
N GLU B 194 -4.89 -11.26 14.75
CA GLU B 194 -5.46 -10.84 16.05
C GLU B 194 -6.26 -9.52 16.00
N CYS B 195 -6.87 -9.20 14.87
CA CYS B 195 -7.59 -7.95 14.73
CA CYS B 195 -7.59 -7.94 14.73
C CYS B 195 -8.86 -7.84 15.57
N TYR B 196 -9.36 -8.96 16.09
CA TYR B 196 -10.54 -8.94 16.98
C TYR B 196 -10.16 -9.05 18.45
N SER B 197 -8.85 -8.94 18.75
CA SER B 197 -8.36 -9.11 20.13
C SER B 197 -8.90 -8.07 21.11
N GLU B 198 -9.34 -6.92 20.63
CA GLU B 198 -9.90 -5.88 21.51
C GLU B 198 -11.41 -5.91 21.56
N ILE B 199 -12.02 -6.86 20.85
CA ILE B 199 -13.46 -6.98 20.76
C ILE B 199 -13.87 -8.24 21.54
N TYR B 200 -14.21 -8.02 22.81
CA TYR B 200 -14.56 -9.09 23.72
C TYR B 200 -15.60 -8.61 24.73
N GLU B 201 -16.32 -9.55 25.29
CA GLU B 201 -17.41 -9.26 26.18
C GLU B 201 -16.97 -9.15 27.61
N ASN B 202 -16.13 -10.05 28.07
CA ASN B 202 -15.68 -10.01 29.45
C ASN B 202 -14.19 -10.32 29.57
N THR B 203 -13.82 -11.59 29.54
CA THR B 203 -12.42 -11.97 29.68
C THR B 203 -11.70 -11.61 28.36
N PRO B 204 -10.56 -10.89 28.45
CA PRO B 204 -9.85 -10.59 27.21
C PRO B 204 -9.22 -11.86 26.62
N PRO B 205 -9.25 -12.02 25.29
CA PRO B 205 -8.61 -13.18 24.71
C PRO B 205 -7.08 -13.09 24.73
N PRO B 206 -6.38 -14.23 24.78
CA PRO B 206 -4.93 -14.16 24.76
C PRO B 206 -4.35 -13.99 23.36
N SER B 207 -3.13 -13.44 23.34
CA SER B 207 -2.35 -13.28 22.13
C SER B 207 -1.49 -14.52 21.94
N LEU B 208 -1.27 -14.90 20.69
CA LEU B 208 -0.37 -15.98 20.36
C LEU B 208 1.01 -15.77 20.95
N LEU B 209 1.45 -14.53 21.12
CA LEU B 209 2.76 -14.27 21.71
C LEU B 209 2.82 -14.56 23.21
N GLU B 210 1.68 -14.53 23.89
CA GLU B 210 1.65 -14.91 25.31
C GLU B 210 1.95 -16.41 25.44
N ALA B 211 1.39 -17.20 24.52
CA ALA B 211 1.65 -18.63 24.45
C ALA B 211 3.15 -18.91 24.22
N CYS B 212 3.80 -18.05 23.44
CA CYS B 212 5.24 -18.14 23.18
C CYS B 212 6.01 -18.01 24.47
N MSE B 213 5.63 -17.03 25.29
CA MSE B 213 6.31 -16.81 26.56
C MSE B 213 6.18 -18.07 27.44
O MSE B 213 7.18 -18.54 27.97
CB MSE B 213 5.75 -15.58 27.30
CG MSE B 213 5.84 -14.27 26.52
SE MSE B 213 7.64 -13.70 26.10
CE MSE B 213 8.24 -13.37 27.94
N LEU B 214 4.98 -18.63 27.55
CA LEU B 214 4.77 -19.82 28.35
C LEU B 214 5.38 -21.09 27.77
N ALA B 215 5.58 -21.16 26.45
CA ALA B 215 6.18 -22.34 25.81
C ALA B 215 7.72 -22.29 25.73
N GLY B 216 8.36 -21.27 26.29
CA GLY B 216 9.80 -21.13 26.21
C GLY B 216 10.30 -20.56 24.90
N ASN B 217 9.44 -19.85 24.18
CA ASN B 217 9.81 -19.27 22.88
C ASN B 217 9.74 -17.74 22.95
N GLU B 218 10.51 -17.20 23.90
CA GLU B 218 10.56 -15.76 24.18
C GLU B 218 11.19 -14.88 23.12
N ALA B 219 11.84 -15.48 22.11
CA ALA B 219 12.32 -14.73 20.95
C ALA B 219 11.28 -14.86 19.81
N PHE B 220 10.11 -15.44 20.12
CA PHE B 220 9.02 -15.59 19.17
C PHE B 220 9.44 -16.25 17.86
N LYS B 221 10.34 -17.23 17.95
CA LYS B 221 10.83 -17.93 16.77
C LYS B 221 9.66 -18.58 16.00
N ASN B 222 9.59 -18.32 14.68
CA ASN B 222 8.54 -18.81 13.75
C ASN B 222 7.13 -18.24 13.97
N VAL B 223 6.97 -17.30 14.90
CA VAL B 223 5.63 -16.83 15.26
C VAL B 223 5.45 -15.32 15.10
N LEU B 224 4.33 -14.93 14.47
CA LEU B 224 3.98 -13.52 14.31
C LEU B 224 2.51 -13.28 14.61
N VAL B 225 2.18 -12.05 15.00
CA VAL B 225 0.78 -11.66 15.22
C VAL B 225 0.51 -10.37 14.46
N ILE B 226 -0.69 -10.27 13.90
CA ILE B 226 -1.10 -9.12 13.09
C ILE B 226 -2.24 -8.41 13.77
N HIS B 227 -2.06 -7.09 13.98
CA HIS B 227 -3.03 -6.23 14.66
C HIS B 227 -3.46 -5.07 13.81
N SER B 228 -4.61 -4.50 14.17
CA SER B 228 -5.21 -3.37 13.48
C SER B 228 -5.95 -2.45 14.44
N LEU B 229 -5.92 -1.17 14.16
CA LEU B 229 -6.61 -0.19 14.99
C LEU B 229 -8.06 0.00 14.60
N SER B 230 -8.41 -0.41 13.38
CA SER B 230 -9.72 -0.13 12.77
C SER B 230 -10.98 -0.32 13.61
N LYS B 231 -11.11 -1.52 14.16
CA LYS B 231 -12.30 -1.90 14.92
C LYS B 231 -12.21 -1.45 16.38
N ARG B 232 -10.98 -1.41 16.90
CA ARG B 232 -10.73 -0.95 18.25
C ARG B 232 -11.15 0.49 18.46
N SER B 233 -10.82 1.36 17.49
CA SER B 233 -11.05 2.80 17.62
C SER B 233 -12.08 3.44 16.68
N SER B 234 -12.78 2.59 15.91
CA SER B 234 -13.76 3.07 14.93
CA SER B 234 -13.75 3.02 14.90
C SER B 234 -13.07 4.06 13.98
N ALA B 235 -11.88 3.69 13.50
CA ALA B 235 -11.07 4.56 12.65
C ALA B 235 -10.38 3.79 11.53
N PRO B 236 -11.17 3.07 10.70
CA PRO B 236 -10.55 2.35 9.61
C PRO B 236 -9.84 3.27 8.62
N GLY B 237 -10.29 4.52 8.51
CA GLY B 237 -9.67 5.48 7.61
C GLY B 237 -8.24 5.86 7.94
N LEU B 238 -7.81 5.61 9.19
CA LEU B 238 -6.44 5.88 9.59
C LEU B 238 -5.45 4.92 8.92
N ARG B 239 -5.91 3.72 8.59
CA ARG B 239 -5.09 2.65 7.98
C ARG B 239 -3.87 2.31 8.84
N SER B 240 -4.09 1.95 10.11
CA SER B 240 -2.98 1.63 11.01
C SER B 240 -3.07 0.23 11.64
N GLY B 241 -1.95 -0.49 11.57
CA GLY B 241 -1.82 -1.81 12.17
C GLY B 241 -0.36 -2.12 12.40
N PHE B 242 -0.08 -3.34 12.85
CA PHE B 242 1.29 -3.77 13.01
C PHE B 242 1.39 -5.27 12.98
N ILE B 243 2.60 -5.76 12.74
CA ILE B 243 2.93 -7.18 12.83
C ILE B 243 4.08 -7.27 13.86
N ALA B 244 3.98 -8.21 14.79
CA ALA B 244 4.93 -8.37 15.88
C ALA B 244 5.33 -9.83 16.07
N GLY B 245 6.54 -10.04 16.58
CA GLY B 245 7.07 -11.39 16.82
C GLY B 245 8.51 -11.60 16.36
N ASP B 246 8.74 -12.70 15.65
CA ASP B 246 10.09 -13.12 15.20
C ASP B 246 10.92 -12.00 14.53
N SER B 247 11.83 -11.39 15.28
CA SER B 247 12.66 -10.31 14.75
C SER B 247 13.57 -10.73 13.60
N ARG B 248 13.88 -12.02 13.48
CA ARG B 248 14.73 -12.50 12.38
C ARG B 248 13.92 -12.34 11.09
N LEU B 249 12.63 -12.70 11.14
CA LEU B 249 11.76 -12.55 9.98
C LEU B 249 11.38 -11.09 9.73
N LEU B 250 11.17 -10.34 10.80
CA LEU B 250 10.80 -8.92 10.66
C LEU B 250 11.96 -8.05 10.15
N GLU B 251 13.20 -8.41 10.46
CA GLU B 251 14.37 -7.68 9.96
C GLU B 251 14.40 -7.69 8.43
N LYS B 252 14.07 -8.82 7.82
CA LYS B 252 14.06 -8.95 6.38
C LYS B 252 12.77 -8.41 5.78
N TYR B 253 11.65 -8.58 6.49
CA TYR B 253 10.37 -8.05 6.01
C TYR B 253 10.47 -6.54 5.89
N LYS B 254 11.17 -5.91 6.83
CA LYS B 254 11.42 -4.47 6.80
C LYS B 254 12.06 -4.05 5.48
N ALA B 255 13.11 -4.79 5.09
CA ALA B 255 13.84 -4.50 3.84
C ALA B 255 12.90 -4.66 2.64
N PHE B 256 12.05 -5.68 2.66
CA PHE B 256 11.08 -5.92 1.59
C PHE B 256 10.06 -4.77 1.51
N ARG B 257 9.59 -4.31 2.66
CA ARG B 257 8.61 -3.25 2.72
C ARG B 257 9.10 -1.90 2.17
N ALA B 258 10.41 -1.68 2.17
CA ALA B 258 10.97 -0.44 1.59
C ALA B 258 10.59 -0.26 0.11
N TYR B 259 10.36 -1.36 -0.61
CA TYR B 259 9.93 -1.34 -2.03
C TYR B 259 8.41 -1.24 -2.28
N LEU B 260 7.61 -1.66 -1.33
CA LEU B 260 6.16 -1.80 -1.54
C LEU B 260 5.32 -0.52 -1.63
N GLY B 261 5.76 0.55 -0.97
CA GLY B 261 5.04 1.83 -0.99
C GLY B 261 3.77 1.93 -0.15
N TYR B 262 3.67 1.13 0.91
CA TYR B 262 2.52 1.21 1.81
C TYR B 262 2.82 2.25 2.90
N THR B 263 2.78 3.54 2.51
CA THR B 263 3.10 4.63 3.42
C THR B 263 1.89 5.51 3.67
N SER B 264 2.00 6.33 4.73
CA SER B 264 0.91 7.15 5.27
C SER B 264 1.38 8.54 5.72
N ALA B 265 0.61 9.59 5.41
CA ALA B 265 0.97 10.95 5.83
C ALA B 265 1.37 11.01 7.29
N ASN B 266 2.38 11.80 7.61
CA ASN B 266 2.83 11.93 9.01
C ASN B 266 1.69 12.41 9.93
N ALA B 267 0.77 13.18 9.36
CA ALA B 267 -0.41 13.70 10.03
C ALA B 267 -1.34 12.58 10.45
N ILE B 268 -1.53 11.62 9.54
CA ILE B 268 -2.36 10.46 9.76
C ILE B 268 -1.75 9.55 10.84
N GLN B 269 -0.42 9.43 10.79
CA GLN B 269 0.33 8.67 11.77
C GLN B 269 0.21 9.30 13.18
N LYS B 270 0.12 10.62 13.26
CA LYS B 270 -0.03 11.30 14.55
C LYS B 270 -1.39 11.02 15.16
N ALA B 271 -2.42 10.94 14.31
CA ALA B 271 -3.75 10.60 14.79
C ALA B 271 -3.78 9.15 15.24
N SER B 272 -3.04 8.29 14.54
CA SER B 272 -2.94 6.86 14.90
C SER B 272 -2.24 6.71 16.25
N GLU B 273 -1.16 7.44 16.43
CA GLU B 273 -0.40 7.45 17.68
C GLU B 273 -1.31 7.83 18.84
N ALA B 274 -2.07 8.91 18.67
CA ALA B 274 -3.04 9.30 19.69
C ALA B 274 -4.02 8.14 20.05
N ALA B 275 -4.59 7.48 19.04
CA ALA B 275 -5.49 6.35 19.25
C ALA B 275 -4.79 5.18 19.94
N TRP B 276 -3.58 4.83 19.53
CA TRP B 276 -2.88 3.72 20.19
C TRP B 276 -2.48 4.02 21.64
N LEU B 277 -2.23 5.30 21.96
CA LEU B 277 -1.84 5.70 23.31
C LEU B 277 -2.98 5.70 24.34
N ASP B 278 -4.23 5.74 23.87
CA ASP B 278 -5.40 5.86 24.77
C ASP B 278 -6.27 4.60 24.83
N ASP B 279 -6.58 4.16 26.04
CA ASP B 279 -7.45 2.99 26.24
C ASP B 279 -8.92 3.37 26.48
N ARG B 280 -9.17 4.58 26.99
CA ARG B 280 -10.54 5.03 27.32
C ARG B 280 -11.55 4.91 26.17
N HIS B 281 -11.22 5.44 24.98
CA HIS B 281 -12.15 5.39 23.84
C HIS B 281 -12.42 3.95 23.39
N ALA B 282 -11.38 3.11 23.44
CA ALA B 282 -11.48 1.70 23.07
C ALA B 282 -12.49 1.00 23.95
N GLU B 283 -12.40 1.26 25.25
CA GLU B 283 -13.27 0.63 26.24
C GLU B 283 -14.71 1.06 26.04
N PHE B 284 -14.92 2.32 25.66
CA PHE B 284 -16.26 2.83 25.37
C PHE B 284 -16.91 1.98 24.25
N PHE B 285 -16.18 1.77 23.16
CA PHE B 285 -16.73 1.00 22.05
C PHE B 285 -16.88 -0.47 22.42
N ARG B 286 -15.92 -1.01 23.18
CA ARG B 286 -15.98 -2.40 23.56
C ARG B 286 -17.25 -2.69 24.36
N ASN B 287 -17.60 -1.77 25.24
CA ASN B 287 -18.80 -1.88 26.04
CA ASN B 287 -18.81 -1.91 26.04
C ASN B 287 -20.06 -2.03 25.17
N ILE B 288 -20.09 -1.32 24.04
CA ILE B 288 -21.23 -1.40 23.14
C ILE B 288 -21.28 -2.78 22.50
N TYR B 289 -20.14 -3.25 21.99
CA TYR B 289 -20.09 -4.59 21.37
C TYR B 289 -20.46 -5.68 22.38
N ALA B 290 -20.02 -5.53 23.64
CA ALA B 290 -20.33 -6.47 24.72
C ALA B 290 -21.84 -6.52 24.95
N ASN B 291 -22.48 -5.35 25.03
CA ASN B 291 -23.93 -5.27 25.20
C ASN B 291 -24.66 -5.87 24.00
N ASN B 292 -24.08 -5.68 22.82
CA ASN B 292 -24.65 -6.22 21.60
C ASN B 292 -24.62 -7.74 21.65
N LEU B 293 -23.53 -8.33 22.14
CA LEU B 293 -23.45 -9.80 22.20
C LEU B 293 -24.46 -10.38 23.21
N LYS B 294 -24.60 -9.72 24.36
CA LYS B 294 -25.58 -10.14 25.36
C LYS B 294 -27.03 -10.04 24.88
N LEU B 295 -27.35 -9.00 24.11
CA LEU B 295 -28.68 -8.86 23.51
C LEU B 295 -28.97 -9.99 22.52
N ALA B 296 -28.00 -10.27 21.66
CA ALA B 296 -28.12 -11.33 20.66
C ALA B 296 -28.34 -12.68 21.37
N ARG B 297 -27.58 -12.89 22.43
CA ARG B 297 -27.63 -14.13 23.19
C ARG B 297 -28.98 -14.27 23.87
N LYS B 298 -29.56 -13.15 24.29
CA LYS B 298 -30.91 -13.14 24.85
C LYS B 298 -31.94 -13.52 23.79
N ILE B 299 -31.83 -12.89 22.64
CA ILE B 299 -32.80 -13.07 21.55
C ILE B 299 -32.74 -14.42 20.85
N PHE B 300 -31.55 -14.86 20.45
CA PHE B 300 -31.40 -16.13 19.75
C PHE B 300 -31.29 -17.27 20.79
N LYS B 301 -32.43 -17.86 21.10
CA LYS B 301 -32.52 -18.89 22.14
C LYS B 301 -31.72 -20.10 21.75
N ASN B 302 -31.06 -20.71 22.73
CA ASN B 302 -30.32 -21.94 22.50
C ASN B 302 -29.43 -21.86 21.26
N THR B 303 -28.64 -20.79 21.19
CA THR B 303 -27.71 -20.53 20.09
C THR B 303 -26.40 -20.14 20.74
N LEU B 304 -25.33 -20.78 20.30
CA LEU B 304 -23.99 -20.49 20.82
C LEU B 304 -23.44 -19.23 20.20
N ILE B 305 -23.10 -18.27 21.06
CA ILE B 305 -22.47 -17.03 20.66
C ILE B 305 -21.26 -16.88 21.58
N TYR B 306 -20.06 -16.98 21.02
CA TYR B 306 -18.86 -16.85 21.84
C TYR B 306 -18.72 -15.39 22.26
N PRO B 307 -18.19 -15.14 23.46
CA PRO B 307 -18.07 -13.77 23.95
C PRO B 307 -16.87 -13.00 23.36
N TYR B 308 -16.60 -13.21 22.07
CA TYR B 308 -15.48 -12.57 21.37
C TYR B 308 -15.92 -12.26 19.94
N SER B 309 -15.37 -11.16 19.40
CA SER B 309 -15.72 -10.58 18.08
C SER B 309 -17.10 -9.94 18.22
N PHE B 310 -17.64 -9.38 17.13
CA PHE B 310 -19.00 -8.81 17.13
C PHE B 310 -19.93 -9.54 16.17
N TYR B 311 -19.61 -10.81 15.91
CA TYR B 311 -20.40 -11.63 15.01
C TYR B 311 -21.32 -12.60 15.72
N VAL B 312 -22.38 -12.97 14.99
CA VAL B 312 -23.29 -14.03 15.36
C VAL B 312 -23.21 -15.00 14.18
N TYR B 313 -22.82 -16.25 14.45
CA TYR B 313 -22.74 -17.26 13.41
C TYR B 313 -24.04 -18.04 13.56
N LEU B 314 -25.09 -17.51 12.95
CA LEU B 314 -26.47 -17.98 13.18
C LEU B 314 -26.95 -19.19 12.38
N PRO B 315 -27.22 -20.34 13.06
CA PRO B 315 -27.70 -21.52 12.36
C PRO B 315 -29.07 -21.30 11.75
N VAL B 316 -29.20 -21.53 10.45
CA VAL B 316 -30.49 -21.37 9.76
C VAL B 316 -30.63 -22.60 8.86
N GLN B 317 -31.79 -22.80 8.24
CA GLN B 317 -31.92 -23.97 7.37
C GLN B 317 -30.94 -23.86 6.18
N ASN B 318 -31.08 -22.82 5.37
CA ASN B 318 -30.14 -22.59 4.26
C ASN B 318 -29.85 -21.10 4.25
N GLY B 319 -28.58 -20.73 4.43
CA GLY B 319 -28.17 -19.34 4.52
C GLY B 319 -28.64 -18.44 3.39
N GLU B 320 -28.50 -18.91 2.16
CA GLU B 320 -28.90 -18.14 0.99
C GLU B 320 -30.40 -17.88 0.97
N ASN B 321 -31.20 -18.92 1.19
CA ASN B 321 -32.64 -18.79 1.19
C ASN B 321 -33.13 -17.89 2.32
N PHE B 322 -32.46 -17.99 3.47
CA PHE B 322 -32.80 -17.19 4.64
C PHE B 322 -32.54 -15.71 4.37
N ALA B 323 -31.36 -15.42 3.80
CA ALA B 323 -31.00 -14.04 3.46
C ALA B 323 -31.98 -13.43 2.46
N LYS B 324 -32.33 -14.21 1.44
CA LYS B 324 -33.32 -13.76 0.45
C LYS B 324 -34.66 -13.47 1.09
N THR B 325 -35.13 -14.34 1.99
CA THR B 325 -36.44 -14.16 2.63
C THR B 325 -36.50 -12.94 3.57
N LEU B 326 -35.45 -12.72 4.35
N LEU B 326 -35.45 -12.76 4.37
CA LEU B 326 -35.44 -11.57 5.24
CA LEU B 326 -35.37 -11.58 5.23
C LEU B 326 -35.28 -10.25 4.50
C LEU B 326 -35.36 -10.29 4.42
N TYR B 327 -34.49 -10.23 3.42
CA TYR B 327 -34.34 -9.02 2.61
C TYR B 327 -35.64 -8.70 1.88
N GLN B 328 -36.31 -9.71 1.36
CA GLN B 328 -37.54 -9.52 0.62
C GLN B 328 -38.67 -8.97 1.48
N ASN B 329 -38.84 -9.56 2.67
CA ASN B 329 -39.92 -9.19 3.58
C ASN B 329 -39.64 -8.06 4.53
N GLU B 330 -38.40 -7.99 5.00
CA GLU B 330 -38.01 -7.02 6.03
C GLU B 330 -36.99 -5.99 5.61
N GLY B 331 -36.29 -6.25 4.51
CA GLY B 331 -35.19 -5.36 4.06
C GLY B 331 -33.93 -5.50 4.88
N ILE B 332 -33.88 -6.50 5.76
CA ILE B 332 -32.72 -6.73 6.59
C ILE B 332 -31.74 -7.55 5.75
N ILE B 333 -30.48 -7.10 5.72
CA ILE B 333 -29.43 -7.76 4.97
C ILE B 333 -28.56 -8.57 5.90
N THR B 334 -28.48 -9.88 5.61
CA THR B 334 -27.65 -10.83 6.36
C THR B 334 -26.72 -11.48 5.32
N LEU B 335 -25.55 -11.92 5.77
CA LEU B 335 -24.52 -12.56 4.93
C LEU B 335 -24.51 -14.10 5.01
N PRO B 336 -24.90 -14.79 3.92
CA PRO B 336 -24.76 -16.25 3.97
C PRO B 336 -23.30 -16.65 4.18
N ALA B 337 -23.04 -17.49 5.18
CA ALA B 337 -21.67 -17.95 5.53
C ALA B 337 -21.00 -18.75 4.42
N LEU B 338 -21.82 -19.33 3.53
CA LEU B 338 -21.35 -20.03 2.34
C LEU B 338 -20.35 -19.13 1.58
N TYR B 339 -20.64 -17.83 1.52
CA TYR B 339 -19.75 -16.92 0.79
C TYR B 339 -18.37 -16.69 1.45
N LEU B 340 -18.19 -17.16 2.69
CA LEU B 340 -16.92 -17.09 3.41
C LEU B 340 -16.18 -18.44 3.45
N GLY B 341 -16.77 -19.47 2.87
CA GLY B 341 -16.14 -20.79 2.92
C GLY B 341 -16.04 -21.46 1.58
N ARG B 342 -15.44 -22.65 1.58
CA ARG B 342 -15.31 -23.49 0.43
C ARG B 342 -15.87 -24.86 0.81
N ASN B 343 -16.09 -25.71 -0.18
CA ASN B 343 -16.54 -27.10 0.04
C ASN B 343 -17.85 -27.23 0.82
N ARG B 344 -18.74 -26.27 0.60
CA ARG B 344 -20.05 -26.15 1.25
C ARG B 344 -20.07 -25.81 2.74
N ILE B 345 -18.94 -25.44 3.33
CA ILE B 345 -18.90 -25.06 4.73
C ILE B 345 -19.59 -23.67 4.85
N GLY B 346 -20.52 -23.56 5.81
CA GLY B 346 -21.28 -22.35 6.07
C GLY B 346 -22.67 -22.30 5.43
N ALA B 347 -23.00 -23.35 4.67
CA ALA B 347 -24.27 -23.42 3.95
C ALA B 347 -25.49 -23.18 4.80
N ASP B 348 -25.47 -23.69 6.04
CA ASP B 348 -26.59 -23.57 6.96
C ASP B 348 -26.41 -22.49 8.04
N TYR B 349 -25.67 -21.43 7.71
CA TYR B 349 -25.49 -20.28 8.59
C TYR B 349 -25.53 -18.95 7.81
N VAL B 350 -25.95 -17.88 8.48
CA VAL B 350 -25.76 -16.51 8.00
C VAL B 350 -24.90 -15.86 9.10
N ARG B 351 -24.04 -14.93 8.70
CA ARG B 351 -23.28 -14.16 9.66
C ARG B 351 -23.97 -12.80 9.84
N LEU B 352 -24.07 -12.37 11.10
CA LEU B 352 -24.57 -11.05 11.46
C LEU B 352 -23.41 -10.32 12.13
N ALA B 353 -23.20 -9.06 11.73
CA ALA B 353 -22.19 -8.18 12.29
C ALA B 353 -22.92 -7.18 13.18
N LEU B 354 -22.62 -7.21 14.48
CA LEU B 354 -23.32 -6.40 15.47
C LEU B 354 -22.58 -5.07 15.65
N VAL B 355 -22.57 -4.27 14.58
CA VAL B 355 -21.75 -3.07 14.49
C VAL B 355 -22.48 -1.73 14.69
N TYR B 356 -23.72 -1.78 15.19
CA TYR B 356 -24.51 -0.59 15.45
C TYR B 356 -24.67 -0.42 16.96
N ASP B 357 -25.12 0.76 17.37
CA ASP B 357 -25.40 1.02 18.78
C ASP B 357 -26.55 0.07 19.17
N THR B 358 -26.49 -0.43 20.41
CA THR B 358 -27.43 -1.45 20.89
C THR B 358 -28.93 -1.25 20.60
N PRO B 359 -29.47 -0.04 20.82
CA PRO B 359 -30.90 0.11 20.59
C PRO B 359 -31.34 -0.15 19.14
N LEU B 360 -30.45 0.12 18.20
CA LEU B 360 -30.75 -0.08 16.78
C LEU B 360 -30.84 -1.55 16.39
N LEU B 361 -30.26 -2.42 17.21
CA LEU B 361 -30.24 -3.86 16.96
C LEU B 361 -31.46 -4.63 17.49
N GLU B 362 -32.17 -4.07 18.46
CA GLU B 362 -33.27 -4.80 19.08
C GLU B 362 -34.31 -5.34 18.12
N LYS B 363 -35.02 -4.46 17.41
CA LYS B 363 -36.08 -4.89 16.50
C LYS B 363 -35.59 -5.87 15.41
N PRO B 364 -34.54 -5.50 14.64
CA PRO B 364 -34.05 -6.44 13.63
C PRO B 364 -33.68 -7.82 14.17
N LEU B 365 -32.96 -7.88 15.27
CA LEU B 365 -32.60 -9.20 15.81
C LEU B 365 -33.85 -10.00 16.18
N GLU B 366 -34.87 -9.36 16.77
CA GLU B 366 -36.10 -10.07 17.11
C GLU B 366 -36.82 -10.59 15.88
N ILE B 367 -36.87 -9.76 14.83
CA ILE B 367 -37.46 -10.15 13.56
C ILE B 367 -36.76 -11.40 13.03
N ILE B 368 -35.42 -11.36 12.97
CA ILE B 368 -34.62 -12.51 12.51
C ILE B 368 -35.01 -13.78 13.28
N GLU B 369 -35.05 -13.69 14.60
CA GLU B 369 -35.44 -14.82 15.44
C GLU B 369 -36.84 -15.35 15.10
N THR B 370 -37.77 -14.46 14.73
CA THR B 370 -39.12 -14.88 14.38
C THR B 370 -39.11 -15.74 13.10
N TYR B 371 -38.28 -15.39 12.12
CA TYR B 371 -38.16 -16.20 10.90
C TYR B 371 -37.51 -17.56 11.15
N ARG B 372 -36.66 -17.67 12.16
CA ARG B 372 -36.07 -18.97 12.50
C ARG B 372 -37.13 -19.85 13.15
N GLU B 373 -37.84 -19.27 14.13
CA GLU B 373 -38.91 -19.96 14.86
C GLU B 373 -39.99 -20.56 13.95
N ASN B 374 -40.26 -19.90 12.81
CA ASN B 374 -41.28 -20.36 11.86
C ASN B 374 -40.74 -20.54 10.44
N HIS B 375 -39.95 -21.61 10.23
CA HIS B 375 -39.35 -21.95 8.92
C HIS B 375 -38.41 -20.87 8.37
P PO4 C . 5.65 9.04 -5.29
O1 PO4 C . 4.46 9.30 -6.18
O2 PO4 C . 5.55 7.70 -4.65
O3 PO4 C . 5.68 10.06 -4.20
O4 PO4 C . 6.89 9.05 -6.15
C1 EDO D . 14.74 9.34 -21.45
O1 EDO D . 13.51 10.09 -21.39
C2 EDO D . 14.40 7.85 -21.38
O2 EDO D . 13.48 7.60 -20.34
C1 EDO E . 21.07 -1.57 -26.03
O1 EDO E . 20.66 -2.48 -27.07
C2 EDO E . 20.46 -1.97 -24.70
O2 EDO E . 20.84 -3.33 -24.40
C1 EDO F . 11.78 9.30 -9.62
O1 EDO F . 10.62 9.75 -8.89
C2 EDO F . 11.33 8.38 -10.76
O2 EDO F . 11.08 9.02 -12.02
P PO4 G . -7.99 -3.34 8.33
O1 PO4 G . -6.91 -3.26 7.30
O2 PO4 G . -8.91 -4.41 7.90
O3 PO4 G . -8.69 -2.01 8.50
O4 PO4 G . -7.31 -3.68 9.62
C1 EDO H . 4.49 -31.55 25.09
O1 EDO H . 4.68 -31.38 26.51
C2 EDO H . 5.82 -31.27 24.40
O2 EDO H . 5.68 -31.22 22.97
C1 EDO I . -3.43 -14.19 -8.14
O1 EDO I . -3.63 -12.93 -7.50
C2 EDO I . -4.78 -14.80 -8.49
O2 EDO I . -4.66 -15.70 -9.60
C1 EDO J . -5.19 -21.63 -3.65
O1 EDO J . -4.25 -22.11 -2.69
C2 EDO J . -6.28 -22.69 -3.85
O2 EDO J . -7.48 -22.06 -4.29
C1 EDO K . -10.46 -20.06 15.71
O1 EDO K . -10.00 -19.01 16.57
C2 EDO K . -9.32 -20.57 14.85
O2 EDO K . -8.63 -19.54 14.16
C1 EDO L . -10.31 -18.85 26.43
O1 EDO L . -9.64 -17.58 26.47
C2 EDO L . -11.17 -18.91 25.19
O2 EDO L . -10.96 -20.15 24.48
#